data_8JE7
#
_entry.id   8JE7
#
_cell.length_a   83.675
_cell.length_b   113.712
_cell.length_c   123.999
_cell.angle_alpha   90.00
_cell.angle_beta   90.00
_cell.angle_gamma   90.00
#
_symmetry.space_group_name_H-M   'P 21 21 21'
#
loop_
_entity.id
_entity.type
_entity.pdbx_description
1 polymer 'PROLYL-TRNA SYNTHETASE'
2 non-polymer 'ZINC ION'
3 non-polymer 7-bromo-6-chloro-3-{3-[(2R,3S)-3-hydroxypiperidin-2-yl]-2-oxopropyl}quinazolin-4(3H)-one
4 non-polymer ~{N}-[4-[(3~{S})-3-cyano-3-cyclopropyl-2-oxidanylidene-pyrrolidin-1-yl]-6-methyl-pyridin-2-yl]-2-phenyl-ethanamide
5 non-polymer 'BROMIDE ION'
6 non-polymer GLYCEROL
7 non-polymer 'CHLORIDE ION'
8 water water
#
_entity_poly.entity_id   1
_entity_poly.type   'polypeptide(L)'
_entity_poly.pdbx_seq_one_letter_code
;MTRLGLEATKEDNLPDWYSQVITKGEMIEYYDVSGCYILRHWSFAIWKAIRNWFDAEITRLGVKECYFPIFVSRAALERE
KTHIADFAPEVAWVTKSGDSELAEPIAVRPTSETVMYPAYAKWIQSYRDLPIRLNQWNNVVRWEFKHPQPFLRTREFLWQ
EGHTAFATQKEADEEVLTILDLYAKVYTDLLAIPVVKGRKTEKEKFAGGDYTTTVEAYISASGRAIQGATSHHLGQNFSR
MFDIVYEHPETKEKEYVFQNSWGITTRTIGVMIMVHADNQGLVLPPRVACIQVVIVPCGITATTTDDERRRLYESCRELE
QTFVKAGIRCEGDYRDNYSPGWKYNHWELKGVPVRIELGFKDLQNDQFVAVRRDNGAKQTIKRAQATVEMPKLLETIHTS
MYERAERDLQSHTKLTKQWAEFLQFLETKNIIMAPFCGEISCEDRIKAESARDDAEAEAGAPAMGAKSLCIPFEQPAKID
PKVDKCVHPACGRVAKFYTLFGRSY
;
_entity_poly.pdbx_strand_id   A,B
#
loop_
_chem_comp.id
_chem_comp.type
_chem_comp.name
_chem_comp.formula
BR non-polymer 'BROMIDE ION' 'Br -1'
CL non-polymer 'CHLORIDE ION' 'Cl -1'
GOL non-polymer GLYCEROL 'C3 H8 O3'
HFG non-polymer 7-bromo-6-chloro-3-{3-[(2R,3S)-3-hydroxypiperidin-2-yl]-2-oxopropyl}quinazolin-4(3H)-one 'C16 H17 Br Cl N3 O3'
JE6 non-polymer ~{N}-[4-[(3~{S})-3-cyano-3-cyclopropyl-2-oxidanylidene-pyrrolidin-1-yl]-6-methyl-pyridin-2-yl]-2-phenyl-ethanamide 'C22 H22 N4 O2'
ZN non-polymer 'ZINC ION' 'Zn 2'
#
# COMPACT_ATOMS: atom_id res chain seq x y z
N GLY A 5 4.85 27.29 17.88
CA GLY A 5 3.68 28.08 17.52
C GLY A 5 3.64 28.65 16.11
N LEU A 6 2.43 28.80 15.57
CA LEU A 6 2.24 29.31 14.22
C LEU A 6 2.50 30.81 14.15
N GLU A 7 3.21 31.24 13.11
CA GLU A 7 3.62 32.63 12.93
C GLU A 7 3.00 33.28 11.72
N ALA A 8 1.98 32.66 11.14
CA ALA A 8 1.18 33.29 10.10
C ALA A 8 -0.28 33.07 10.47
N THR A 9 -1.16 33.86 9.85
CA THR A 9 -2.58 33.73 10.10
C THR A 9 -3.29 33.33 8.81
N LYS A 10 -4.24 32.40 8.96
CA LYS A 10 -4.94 31.83 7.83
C LYS A 10 -5.63 32.89 6.96
N GLU A 11 -6.15 33.96 7.56
CA GLU A 11 -6.90 34.95 6.80
C GLU A 11 -6.03 36.02 6.16
N ASP A 12 -4.79 36.21 6.63
CA ASP A 12 -3.87 37.18 6.06
C ASP A 12 -3.00 36.59 4.96
N ASN A 13 -2.32 35.48 5.23
CA ASN A 13 -1.35 34.89 4.30
C ASN A 13 -1.58 33.38 4.26
N LEU A 14 -2.52 32.98 3.40
CA LEU A 14 -2.92 31.57 3.35
C LEU A 14 -1.77 30.62 3.02
N PRO A 15 -0.90 30.87 2.03
CA PRO A 15 0.16 29.89 1.74
C PRO A 15 1.20 29.76 2.83
N ASP A 16 1.62 30.87 3.44
CA ASP A 16 2.58 30.78 4.54
C ASP A 16 1.97 30.05 5.74
N TRP A 17 0.71 30.35 6.05
CA TRP A 17 -0.01 29.64 7.09
C TRP A 17 -0.09 28.15 6.78
N TYR A 18 -0.43 27.79 5.54
CA TYR A 18 -0.53 26.38 5.15
C TYR A 18 0.81 25.68 5.37
N SER A 19 1.90 26.31 4.94
CA SER A 19 3.21 25.69 5.08
C SER A 19 3.56 25.49 6.55
N GLN A 20 3.20 26.46 7.38
CA GLN A 20 3.49 26.35 8.80
C GLN A 20 2.64 25.26 9.45
N VAL A 21 1.39 25.12 9.01
CA VAL A 21 0.53 24.08 9.56
C VAL A 21 1.08 22.69 9.21
N ILE A 22 1.49 22.48 7.96
CA ILE A 22 1.93 21.13 7.61
C ILE A 22 3.31 20.82 8.19
N THR A 23 4.16 21.83 8.43
CA THR A 23 5.47 21.50 8.99
C THR A 23 5.46 21.40 10.52
N LYS A 24 4.91 22.42 11.19
CA LYS A 24 4.83 22.37 12.65
C LYS A 24 3.81 21.33 13.12
N GLY A 25 2.81 21.03 12.29
CA GLY A 25 1.92 19.91 12.54
C GLY A 25 2.52 18.55 12.19
N GLU A 26 3.78 18.53 11.73
CA GLU A 26 4.54 17.29 11.53
C GLU A 26 3.88 16.37 10.51
N MET A 27 3.24 16.97 9.51
CA MET A 27 2.59 16.27 8.42
C MET A 27 3.56 15.98 7.28
N ILE A 28 4.41 16.95 6.98
CA ILE A 28 5.18 17.02 5.74
C ILE A 28 6.62 17.38 6.10
N GLU A 29 7.55 16.84 5.33
CA GLU A 29 8.92 17.36 5.28
C GLU A 29 9.20 17.78 3.86
N TYR A 30 9.78 18.96 3.69
CA TYR A 30 10.14 19.44 2.38
C TYR A 30 11.34 18.64 1.84
N TYR A 31 11.60 18.78 0.55
CA TYR A 31 12.38 17.78 -0.17
C TYR A 31 13.02 18.44 -1.38
N ASP A 32 14.20 17.93 -1.77
CA ASP A 32 15.02 18.64 -2.75
C ASP A 32 14.65 18.33 -4.20
N VAL A 33 13.66 17.49 -4.46
CA VAL A 33 13.03 17.34 -5.77
C VAL A 33 11.70 18.10 -5.72
N SER A 34 11.58 19.15 -6.52
CA SER A 34 10.49 20.10 -6.37
C SER A 34 9.13 19.46 -6.65
N GLY A 35 8.13 19.85 -5.88
CA GLY A 35 6.80 19.30 -6.06
C GLY A 35 6.60 17.89 -5.55
N CYS A 36 7.58 17.34 -4.83
CA CYS A 36 7.42 16.08 -4.12
C CYS A 36 7.70 16.32 -2.64
N TYR A 37 6.92 15.69 -1.77
CA TYR A 37 6.98 15.97 -0.35
C TYR A 37 6.97 14.65 0.41
N ILE A 38 7.71 14.63 1.50
CA ILE A 38 7.74 13.47 2.40
C ILE A 38 6.46 13.46 3.22
N LEU A 39 5.76 12.32 3.24
CA LEU A 39 4.60 12.16 4.13
C LEU A 39 5.09 11.56 5.44
N ARG A 40 5.19 12.39 6.47
CA ARG A 40 5.53 11.87 7.80
C ARG A 40 4.38 10.99 8.29
N HIS A 41 4.61 10.29 9.40
CA HIS A 41 3.65 9.29 9.84
CA HIS A 41 3.65 9.29 9.85
C HIS A 41 2.34 9.92 10.31
N TRP A 42 2.37 11.16 10.79
CA TRP A 42 1.15 11.81 11.25
C TRP A 42 0.14 12.02 10.11
N SER A 43 0.63 12.46 8.93
CA SER A 43 -0.28 12.56 7.79
C SER A 43 -0.53 11.19 7.16
N PHE A 44 0.47 10.31 7.18
CA PHE A 44 0.25 9.06 6.48
C PHE A 44 -0.80 8.25 7.19
N ALA A 45 -0.91 8.39 8.52
CA ALA A 45 -1.97 7.73 9.26
C ALA A 45 -3.35 8.19 8.79
N ILE A 46 -3.48 9.46 8.40
CA ILE A 46 -4.75 9.92 7.88
C ILE A 46 -5.03 9.29 6.53
N TRP A 47 -4.05 9.35 5.61
CA TRP A 47 -4.24 8.65 4.34
C TRP A 47 -4.64 7.20 4.55
N LYS A 48 -4.08 6.56 5.58
CA LYS A 48 -4.33 5.15 5.85
C LYS A 48 -5.78 4.92 6.30
N ALA A 49 -6.29 5.78 7.18
CA ALA A 49 -7.71 5.66 7.57
C ALA A 49 -8.63 5.82 6.36
N ILE A 50 -8.37 6.85 5.53
CA ILE A 50 -9.17 7.06 4.32
C ILE A 50 -9.10 5.83 3.41
N ARG A 51 -7.87 5.38 3.15
CA ARG A 51 -7.62 4.31 2.19
C ARG A 51 -8.26 3.01 2.64
N ASN A 52 -8.04 2.62 3.91
CA ASN A 52 -8.63 1.39 4.42
C ASN A 52 -10.16 1.44 4.42
N TRP A 53 -10.76 2.60 4.75
CA TRP A 53 -12.22 2.70 4.72
C TRP A 53 -12.76 2.52 3.30
N PHE A 54 -12.21 3.29 2.36
CA PHE A 54 -12.67 3.19 0.97
C PHE A 54 -12.46 1.78 0.44
N ASP A 55 -11.33 1.16 0.78
CA ASP A 55 -11.04 -0.17 0.26
C ASP A 55 -12.03 -1.19 0.80
N ALA A 56 -12.30 -1.16 2.11
CA ALA A 56 -13.32 -2.05 2.66
C ALA A 56 -14.66 -1.85 1.94
N GLU A 57 -15.00 -0.60 1.64
CA GLU A 57 -16.27 -0.33 0.94
C GLU A 57 -16.30 -1.00 -0.43
N ILE A 58 -15.29 -0.73 -1.27
CA ILE A 58 -15.36 -1.26 -2.65
C ILE A 58 -15.15 -2.76 -2.66
N THR A 59 -14.45 -3.30 -1.66
CA THR A 59 -14.30 -4.73 -1.54
C THR A 59 -15.65 -5.37 -1.25
N ARG A 60 -16.45 -4.74 -0.38
CA ARG A 60 -17.79 -5.27 -0.14
C ARG A 60 -18.67 -5.17 -1.39
N LEU A 61 -18.36 -4.25 -2.30
CA LEU A 61 -19.09 -4.17 -3.57
C LEU A 61 -18.61 -5.20 -4.57
N GLY A 62 -17.54 -5.94 -4.28
CA GLY A 62 -17.04 -6.93 -5.20
C GLY A 62 -15.91 -6.50 -6.10
N VAL A 63 -15.38 -5.29 -5.94
CA VAL A 63 -14.16 -4.90 -6.65
C VAL A 63 -12.96 -5.63 -6.04
N LYS A 64 -12.01 -6.00 -6.88
CA LYS A 64 -10.84 -6.74 -6.43
C LYS A 64 -9.58 -5.92 -6.67
N GLU A 65 -8.60 -6.04 -5.77
CA GLU A 65 -7.38 -5.24 -5.80
C GLU A 65 -6.32 -5.95 -6.65
N CYS A 66 -5.56 -5.17 -7.41
CA CYS A 66 -4.45 -5.69 -8.20
C CYS A 66 -3.34 -4.65 -8.21
N TYR A 67 -2.23 -4.96 -8.90
CA TYR A 67 -1.15 -4.00 -9.01
C TYR A 67 -0.46 -4.15 -10.36
N PHE A 68 -0.47 -3.04 -11.15
CA PHE A 68 0.14 -2.96 -12.46
C PHE A 68 1.46 -2.20 -12.36
N PRO A 69 2.34 -2.36 -13.34
CA PRO A 69 3.68 -1.76 -13.23
C PRO A 69 3.65 -0.25 -13.29
N ILE A 70 4.65 0.36 -12.65
CA ILE A 70 4.79 1.79 -12.70
C ILE A 70 5.28 2.29 -14.07
N PHE A 71 5.85 1.43 -14.92
CA PHE A 71 6.39 1.88 -16.20
C PHE A 71 5.45 1.51 -17.33
N VAL A 72 5.33 2.45 -18.29
CA VAL A 72 4.50 2.34 -19.47
C VAL A 72 5.42 2.45 -20.69
N SER A 73 5.26 1.54 -21.63
CA SER A 73 6.06 1.64 -22.84
C SER A 73 5.57 2.79 -23.71
N ARG A 74 6.48 3.32 -24.55
CA ARG A 74 6.10 4.42 -25.42
C ARG A 74 4.96 4.02 -26.36
N ALA A 75 5.01 2.81 -26.92
CA ALA A 75 3.92 2.36 -27.79
C ALA A 75 2.60 2.33 -27.01
N ALA A 76 2.61 1.76 -25.82
CA ALA A 76 1.41 1.66 -25.06
C ALA A 76 0.79 3.00 -24.77
N LEU A 77 1.62 3.94 -24.40
CA LEU A 77 1.17 5.27 -24.08
C LEU A 77 0.59 5.96 -25.27
N GLU A 78 1.21 5.76 -26.41
CA GLU A 78 0.76 6.32 -27.66
C GLU A 78 -0.50 5.79 -28.26
N ARG A 79 -0.95 4.66 -27.80
CA ARG A 79 -2.20 4.12 -28.23
C ARG A 79 -3.37 5.02 -27.82
N GLU A 80 -3.31 5.66 -26.65
CA GLU A 80 -4.43 6.51 -26.21
C GLU A 80 -5.00 7.48 -27.21
N LYS A 81 -4.19 8.17 -27.99
CA LYS A 81 -4.71 9.05 -29.03
C LYS A 81 -5.79 10.05 -28.62
N ALA A 88 3.93 15.70 -26.23
CA ALA A 88 3.06 16.71 -25.63
C ALA A 88 2.76 16.49 -24.11
N PRO A 89 2.27 15.30 -23.72
CA PRO A 89 1.88 15.13 -22.31
C PRO A 89 3.10 15.16 -21.38
N GLU A 90 2.93 15.82 -20.23
CA GLU A 90 4.02 16.04 -19.28
C GLU A 90 4.34 14.80 -18.45
N VAL A 91 4.59 13.66 -19.11
CA VAL A 91 4.95 12.43 -18.42
C VAL A 91 6.45 12.43 -18.18
N ALA A 92 6.86 11.77 -17.12
CA ALA A 92 8.27 11.63 -16.83
C ALA A 92 8.81 10.45 -17.62
N TRP A 93 9.92 10.68 -18.33
CA TRP A 93 10.51 9.69 -19.22
C TRP A 93 11.82 9.18 -18.63
N VAL A 94 11.90 7.87 -18.40
CA VAL A 94 13.18 7.25 -18.10
C VAL A 94 13.91 6.94 -19.40
N THR A 95 15.12 7.49 -19.56
CA THR A 95 15.94 7.26 -20.75
C THR A 95 17.26 6.55 -20.51
N LYS A 96 17.76 6.47 -19.28
CA LYS A 96 19.00 5.76 -18.99
C LYS A 96 18.82 4.83 -17.78
N SER A 97 19.61 3.77 -17.76
CA SER A 97 19.85 2.96 -16.58
C SER A 97 21.34 3.01 -16.31
N GLY A 98 21.74 3.53 -15.16
CA GLY A 98 23.16 3.76 -14.94
C GLY A 98 23.67 4.71 -16.00
N ASP A 99 24.70 4.29 -16.75
CA ASP A 99 25.20 5.05 -17.88
C ASP A 99 24.87 4.42 -19.22
N SER A 100 24.08 3.35 -19.24
CA SER A 100 23.56 2.78 -20.48
C SER A 100 22.27 3.49 -20.84
N GLU A 101 22.24 4.14 -22.00
CA GLU A 101 20.99 4.66 -22.54
C GLU A 101 20.09 3.50 -22.95
N LEU A 102 18.80 3.59 -22.58
CA LEU A 102 17.88 2.50 -22.89
C LEU A 102 17.51 2.48 -24.37
N ALA A 103 17.32 1.28 -24.90
CA ALA A 103 16.94 1.15 -26.30
C ALA A 103 15.69 1.95 -26.61
N GLU A 104 14.69 1.87 -25.72
CA GLU A 104 13.45 2.62 -25.85
C GLU A 104 13.14 3.29 -24.53
N PRO A 105 12.86 4.58 -24.52
CA PRO A 105 12.50 5.24 -23.27
C PRO A 105 11.14 4.75 -22.78
N ILE A 106 11.02 4.65 -21.47
CA ILE A 106 9.80 4.21 -20.83
C ILE A 106 9.30 5.33 -19.93
N ALA A 107 8.00 5.38 -19.71
CA ALA A 107 7.39 6.51 -19.02
C ALA A 107 6.88 6.09 -17.65
N VAL A 108 6.92 7.03 -16.71
CA VAL A 108 6.28 6.82 -15.43
C VAL A 108 4.77 7.04 -15.62
N ARG A 109 3.96 6.11 -15.11
CA ARG A 109 2.52 6.21 -15.31
C ARG A 109 1.98 7.53 -14.77
N PRO A 110 1.18 8.27 -15.54
CA PRO A 110 0.43 9.39 -14.96
C PRO A 110 -0.97 8.94 -14.58
N THR A 111 -1.33 7.73 -15.04
CA THR A 111 -2.60 7.04 -14.81
C THR A 111 -2.47 5.76 -15.63
N SER A 112 -3.26 4.71 -15.35
CA SER A 112 -2.90 3.37 -15.84
C SER A 112 -3.80 2.82 -16.95
N GLU A 113 -4.64 3.68 -17.58
CA GLU A 113 -5.50 3.25 -18.69
C GLU A 113 -4.70 2.46 -19.74
N THR A 114 -3.61 3.04 -20.24
CA THR A 114 -2.83 2.39 -21.30
C THR A 114 -2.08 1.15 -20.81
N VAL A 115 -1.91 1.01 -19.50
CA VAL A 115 -1.29 -0.20 -18.93
C VAL A 115 -2.33 -1.31 -18.80
N MET A 116 -3.52 -0.95 -18.34
CA MET A 116 -4.53 -1.93 -17.93
C MET A 116 -5.40 -2.38 -19.08
N TYR A 117 -5.76 -1.49 -19.99
CA TYR A 117 -6.78 -1.87 -20.96
C TYR A 117 -6.31 -2.91 -21.97
N PRO A 118 -5.02 -2.97 -22.37
CA PRO A 118 -4.57 -4.14 -23.15
C PRO A 118 -4.80 -5.46 -22.43
N ALA A 119 -4.43 -5.50 -21.15
CA ALA A 119 -4.75 -6.67 -20.33
C ALA A 119 -6.25 -6.95 -20.32
N TYR A 120 -7.09 -5.90 -20.24
CA TYR A 120 -8.52 -6.13 -20.19
C TYR A 120 -9.00 -6.78 -21.47
N ALA A 121 -8.52 -6.29 -22.61
CA ALA A 121 -8.91 -6.89 -23.88
C ALA A 121 -8.53 -8.35 -23.92
N LYS A 122 -7.46 -8.74 -23.28
CA LYS A 122 -7.09 -10.11 -23.27
C LYS A 122 -7.87 -10.93 -22.31
N TRP A 123 -8.22 -10.39 -21.17
CA TRP A 123 -8.92 -11.15 -20.15
C TRP A 123 -10.39 -11.35 -20.48
N ILE A 124 -10.97 -10.52 -21.34
CA ILE A 124 -12.38 -10.66 -21.69
C ILE A 124 -12.40 -11.49 -22.98
N GLN A 125 -12.51 -12.81 -22.80
CA GLN A 125 -12.54 -13.74 -23.91
C GLN A 125 -13.95 -14.14 -24.30
N SER A 126 -14.90 -14.02 -23.37
CA SER A 126 -16.30 -14.33 -23.65
C SER A 126 -17.19 -13.51 -22.73
N TYR A 127 -18.50 -13.57 -23.01
CA TYR A 127 -19.50 -12.86 -22.22
C TYR A 127 -19.40 -13.17 -20.73
N ARG A 128 -19.12 -14.43 -20.40
CA ARG A 128 -19.11 -14.88 -19.01
C ARG A 128 -18.02 -14.23 -18.17
N ASP A 129 -17.05 -13.53 -18.79
CA ASP A 129 -15.96 -12.91 -18.05
C ASP A 129 -16.31 -11.52 -17.55
N LEU A 130 -17.37 -10.98 -17.97
CA LEU A 130 -17.80 -9.66 -17.51
C LEU A 130 -18.64 -9.79 -16.25
N PRO A 131 -18.62 -8.78 -15.35
CA PRO A 131 -17.82 -7.57 -15.48
C PRO A 131 -16.41 -7.73 -14.93
N ILE A 132 -15.52 -6.85 -15.34
CA ILE A 132 -14.19 -6.76 -14.75
C ILE A 132 -14.21 -5.54 -13.86
N ARG A 133 -13.84 -5.71 -12.60
CA ARG A 133 -13.87 -4.58 -11.66
C ARG A 133 -12.59 -4.64 -10.84
N LEU A 134 -11.60 -3.79 -11.19
CA LEU A 134 -10.30 -3.88 -10.55
C LEU A 134 -9.91 -2.51 -10.00
N ASN A 135 -9.21 -2.54 -8.87
CA ASN A 135 -8.70 -1.31 -8.30
C ASN A 135 -7.23 -1.48 -7.97
N GLN A 136 -6.42 -0.44 -8.13
CA GLN A 136 -5.10 -0.37 -7.61
C GLN A 136 -4.90 0.81 -6.64
N TRP A 137 -4.16 0.62 -5.56
CA TRP A 137 -3.60 1.68 -4.76
C TRP A 137 -2.17 1.90 -5.25
N ASN A 138 -1.89 3.04 -5.85
CA ASN A 138 -0.54 3.21 -6.37
C ASN A 138 -0.13 4.67 -6.37
N ASN A 139 1.05 4.90 -6.91
CA ASN A 139 1.64 6.22 -7.01
C ASN A 139 1.74 6.59 -8.48
N VAL A 140 1.40 7.85 -8.80
CA VAL A 140 1.49 8.30 -10.18
C VAL A 140 2.21 9.64 -10.20
N VAL A 141 2.65 10.03 -11.40
CA VAL A 141 3.52 11.18 -11.55
C VAL A 141 3.03 12.04 -12.70
N ARG A 142 2.89 13.34 -12.44
CA ARG A 142 2.51 14.29 -13.48
C ARG A 142 3.43 15.50 -13.33
N TRP A 143 4.39 15.60 -14.24
CA TRP A 143 5.52 16.52 -14.10
C TRP A 143 5.16 17.89 -14.70
N GLU A 144 4.26 18.58 -14.03
CA GLU A 144 3.87 19.90 -14.48
C GLU A 144 4.77 20.94 -13.85
N PHE A 145 5.00 22.03 -14.57
CA PHE A 145 5.87 23.08 -14.07
C PHE A 145 5.10 24.21 -13.41
N LYS A 146 3.78 24.10 -13.29
CA LYS A 146 3.02 25.04 -12.49
C LYS A 146 3.39 24.90 -11.01
N HIS A 147 3.00 25.89 -10.22
CA HIS A 147 3.34 25.91 -8.80
C HIS A 147 2.70 24.75 -8.05
N PRO A 148 3.48 23.88 -7.39
CA PRO A 148 2.89 22.78 -6.63
C PRO A 148 2.52 23.19 -5.21
N GLN A 149 1.67 22.36 -4.59
CA GLN A 149 1.30 22.62 -3.21
C GLN A 149 1.15 21.28 -2.51
N PRO A 150 1.79 21.12 -1.35
CA PRO A 150 1.72 19.85 -0.62
C PRO A 150 0.27 19.44 -0.35
N PHE A 151 0.03 18.14 -0.56
CA PHE A 151 -1.27 17.47 -0.50
C PHE A 151 -2.21 17.86 -1.65
N LEU A 152 -2.27 19.11 -2.01
CA LEU A 152 -3.18 19.55 -3.04
C LEU A 152 -2.84 19.30 -4.52
N ARG A 153 -1.69 19.71 -5.02
CA ARG A 153 -1.27 19.44 -6.37
C ARG A 153 0.16 19.09 -6.28
N THR A 154 0.53 17.87 -6.54
CA THR A 154 1.91 17.47 -6.42
C THR A 154 2.37 16.74 -7.65
N ARG A 155 3.66 16.62 -7.86
CA ARG A 155 4.16 15.93 -9.05
C ARG A 155 3.99 14.42 -8.92
N GLU A 156 4.26 13.88 -7.73
CA GLU A 156 3.94 12.50 -7.39
C GLU A 156 2.81 12.51 -6.37
N PHE A 157 1.82 11.66 -6.57
CA PHE A 157 0.83 11.51 -5.52
C PHE A 157 0.36 10.07 -5.43
N LEU A 158 -0.09 9.72 -4.24
CA LEU A 158 -0.74 8.46 -3.95
C LEU A 158 -2.22 8.59 -4.26
N TRP A 159 -2.78 7.56 -4.81
CA TRP A 159 -4.18 7.50 -5.10
C TRP A 159 -4.64 6.09 -5.25
N GLN A 160 -5.92 5.95 -5.46
CA GLN A 160 -6.46 4.71 -5.92
C GLN A 160 -7.08 5.01 -7.25
N GLU A 161 -6.96 4.09 -8.19
CA GLU A 161 -7.62 4.21 -9.48
C GLU A 161 -8.38 2.91 -9.71
N GLY A 162 -9.66 3.04 -10.01
CA GLY A 162 -10.51 1.89 -10.24
C GLY A 162 -10.91 1.91 -11.71
N HIS A 163 -10.94 0.72 -12.30
CA HIS A 163 -11.25 0.56 -13.72
C HIS A 163 -12.20 -0.61 -13.88
N THR A 164 -13.39 -0.33 -14.41
CA THR A 164 -14.43 -1.36 -14.52
C THR A 164 -14.95 -1.44 -15.94
N ALA A 165 -15.40 -2.64 -16.29
CA ALA A 165 -15.90 -2.98 -17.62
C ALA A 165 -17.15 -3.83 -17.46
N PHE A 166 -18.23 -3.44 -18.14
CA PHE A 166 -19.50 -4.12 -18.03
C PHE A 166 -20.04 -4.42 -19.42
N ALA A 167 -20.96 -5.39 -19.48
CA ALA A 167 -21.58 -5.72 -20.76
C ALA A 167 -22.55 -4.62 -21.23
N THR A 168 -23.19 -3.90 -20.30
CA THR A 168 -24.23 -2.93 -20.64
C THR A 168 -23.96 -1.57 -20.02
N GLN A 169 -24.47 -0.52 -20.69
CA GLN A 169 -24.21 0.84 -20.23
C GLN A 169 -24.85 1.12 -18.88
N LYS A 170 -26.02 0.53 -18.60
CA LYS A 170 -26.77 0.89 -17.39
C LYS A 170 -26.07 0.41 -16.13
N GLU A 171 -25.53 -0.81 -16.15
CA GLU A 171 -24.67 -1.26 -15.06
C GLU A 171 -23.60 -0.23 -14.76
N ALA A 172 -22.99 0.31 -15.83
CA ALA A 172 -21.87 1.22 -15.66
C ALA A 172 -22.33 2.55 -15.08
N ASP A 173 -23.47 3.06 -15.56
CA ASP A 173 -24.03 4.30 -15.00
C ASP A 173 -24.26 4.17 -13.51
N GLU A 174 -24.90 3.06 -13.11
CA GLU A 174 -25.12 2.84 -11.69
C GLU A 174 -23.82 2.85 -10.92
N GLU A 175 -22.78 2.17 -11.45
CA GLU A 175 -21.52 2.13 -10.70
C GLU A 175 -20.91 3.52 -10.57
N VAL A 176 -21.00 4.34 -11.62
CA VAL A 176 -20.47 5.70 -11.52
C VAL A 176 -21.05 6.39 -10.29
N LEU A 177 -22.37 6.27 -10.13
CA LEU A 177 -23.05 6.92 -9.01
C LEU A 177 -22.66 6.30 -7.67
N THR A 178 -22.55 4.96 -7.63
CA THR A 178 -22.14 4.29 -6.40
C THR A 178 -20.78 4.80 -5.92
N ILE A 179 -19.81 4.87 -6.83
CA ILE A 179 -18.47 5.29 -6.43
C ILE A 179 -18.48 6.76 -6.02
N LEU A 180 -19.18 7.62 -6.78
CA LEU A 180 -19.28 9.03 -6.38
C LEU A 180 -19.85 9.16 -4.97
N ASP A 181 -20.86 8.35 -4.64
CA ASP A 181 -21.44 8.43 -3.31
C ASP A 181 -20.43 8.03 -2.24
N LEU A 182 -19.60 7.02 -2.51
CA LEU A 182 -18.54 6.69 -1.56
C LEU A 182 -17.57 7.87 -1.38
N TYR A 183 -17.21 8.53 -2.48
CA TYR A 183 -16.28 9.67 -2.39
C TYR A 183 -16.89 10.80 -1.53
N ALA A 184 -18.17 11.10 -1.78
CA ALA A 184 -18.89 12.05 -0.94
C ALA A 184 -18.83 11.65 0.52
N LYS A 185 -19.01 10.35 0.82
CA LYS A 185 -18.94 9.89 2.20
C LYS A 185 -17.55 10.06 2.78
N VAL A 186 -16.50 9.80 1.99
CA VAL A 186 -15.15 10.07 2.49
C VAL A 186 -15.05 11.51 2.95
N TYR A 187 -15.59 12.43 2.16
CA TYR A 187 -15.47 13.83 2.54
C TYR A 187 -16.36 14.18 3.74
N THR A 188 -17.65 13.77 3.74
CA THR A 188 -18.57 14.21 4.79
C THR A 188 -18.43 13.39 6.07
N ASP A 189 -18.35 12.06 5.94
CA ASP A 189 -18.38 11.17 7.10
C ASP A 189 -17.00 10.97 7.71
N LEU A 190 -15.96 10.81 6.89
CA LEU A 190 -14.62 10.70 7.45
C LEU A 190 -14.02 12.07 7.76
N LEU A 191 -14.10 13.01 6.83
CA LEU A 191 -13.35 14.25 6.94
C LEU A 191 -14.20 15.45 7.40
N ALA A 192 -15.48 15.25 7.68
CA ALA A 192 -16.39 16.32 8.07
C ALA A 192 -16.37 17.49 7.09
N ILE A 193 -16.33 17.18 5.79
CA ILE A 193 -16.26 18.22 4.77
C ILE A 193 -17.49 18.11 3.88
N PRO A 194 -18.30 19.17 3.75
CA PRO A 194 -19.43 19.13 2.81
C PRO A 194 -18.94 19.30 1.39
N VAL A 195 -19.61 18.62 0.47
CA VAL A 195 -19.24 18.66 -0.95
C VAL A 195 -20.51 18.76 -1.78
N VAL A 196 -20.35 19.21 -3.02
CA VAL A 196 -21.44 19.27 -3.98
C VAL A 196 -21.21 18.22 -5.06
N LYS A 197 -22.08 17.20 -5.10
CA LYS A 197 -22.05 16.20 -6.15
C LYS A 197 -22.55 16.79 -7.45
N GLY A 198 -21.83 16.51 -8.54
CA GLY A 198 -22.31 17.07 -9.79
C GLY A 198 -21.64 16.46 -10.99
N ARG A 199 -22.19 16.80 -12.13
CA ARG A 199 -21.67 16.38 -13.42
C ARG A 199 -20.86 17.53 -14.00
N LYS A 200 -19.74 17.21 -14.61
CA LYS A 200 -18.94 18.26 -15.21
C LYS A 200 -19.64 18.73 -16.48
N THR A 201 -19.37 19.98 -16.84
CA THR A 201 -19.79 20.52 -18.12
C THR A 201 -19.00 19.84 -19.25
N GLU A 202 -19.44 20.09 -20.49
CA GLU A 202 -18.73 19.52 -21.64
C GLU A 202 -17.31 20.04 -21.71
N LYS A 203 -17.08 21.27 -21.25
CA LYS A 203 -15.73 21.82 -21.26
C LYS A 203 -14.84 21.13 -20.24
N GLU A 204 -15.38 20.78 -19.08
CA GLU A 204 -14.56 20.34 -17.94
C GLU A 204 -14.47 18.83 -17.78
N LYS A 205 -15.29 18.06 -18.50
CA LYS A 205 -15.27 16.61 -18.35
C LYS A 205 -13.92 16.04 -18.82
N PHE A 206 -13.62 14.83 -18.34
CA PHE A 206 -12.51 14.06 -18.90
C PHE A 206 -12.74 13.85 -20.39
N ALA A 207 -11.75 14.25 -21.21
CA ALA A 207 -11.92 14.22 -22.66
C ALA A 207 -12.10 12.81 -23.19
N GLY A 208 -11.55 11.81 -22.50
CA GLY A 208 -11.62 10.44 -23.00
C GLY A 208 -12.88 9.67 -22.62
N GLY A 209 -13.84 10.28 -21.93
CA GLY A 209 -15.06 9.60 -21.55
C GLY A 209 -16.28 10.29 -22.13
N ASP A 210 -17.45 9.75 -21.76
CA ASP A 210 -18.74 10.31 -22.15
C ASP A 210 -19.22 11.38 -21.18
N TYR A 211 -19.10 11.13 -19.88
CA TYR A 211 -19.36 12.16 -18.88
C TYR A 211 -18.49 11.89 -17.65
N THR A 212 -18.24 12.96 -16.90
CA THR A 212 -17.45 12.92 -15.67
C THR A 212 -18.30 13.43 -14.52
N THR A 213 -18.34 12.67 -13.42
CA THR A 213 -18.93 13.16 -12.19
C THR A 213 -17.85 13.46 -11.16
N THR A 214 -18.21 14.33 -10.23
CA THR A 214 -17.24 14.96 -9.36
C THR A 214 -17.92 15.29 -8.04
N VAL A 215 -17.11 15.45 -7.00
CA VAL A 215 -17.52 16.11 -5.77
C VAL A 215 -16.66 17.36 -5.65
N GLU A 216 -17.29 18.50 -5.40
CA GLU A 216 -16.57 19.76 -5.33
C GLU A 216 -16.62 20.28 -3.90
N ALA A 217 -15.48 20.77 -3.42
CA ALA A 217 -15.43 21.35 -2.09
C ALA A 217 -15.06 22.82 -2.23
N TYR A 218 -15.32 23.58 -1.18
CA TYR A 218 -15.04 25.01 -1.21
C TYR A 218 -14.10 25.40 -0.07
N ILE A 219 -13.02 26.10 -0.43
CA ILE A 219 -12.06 26.66 0.51
C ILE A 219 -12.43 28.12 0.74
N SER A 220 -12.92 28.43 1.95
CA SER A 220 -13.40 29.77 2.23
C SER A 220 -12.28 30.78 2.32
N ALA A 221 -11.11 30.36 2.74
CA ALA A 221 -10.06 31.29 2.89
C ALA A 221 -9.65 31.83 1.59
N SER A 222 -9.38 30.96 0.63
CA SER A 222 -9.00 31.29 -0.73
C SER A 222 -10.10 31.91 -1.47
N GLY A 223 -11.27 31.42 -1.19
CA GLY A 223 -12.45 31.78 -1.93
C GLY A 223 -12.63 30.84 -3.11
N ARG A 224 -11.76 29.83 -3.25
CA ARG A 224 -11.76 28.93 -4.36
C ARG A 224 -12.30 27.58 -4.13
N ALA A 225 -12.78 26.99 -5.17
CA ALA A 225 -13.34 25.64 -5.14
C ALA A 225 -12.32 24.64 -5.67
N ILE A 226 -12.44 23.39 -5.23
CA ILE A 226 -11.49 22.37 -5.64
C ILE A 226 -12.19 21.02 -5.85
N GLN A 227 -11.84 20.34 -6.93
CA GLN A 227 -12.36 19.01 -7.18
C GLN A 227 -11.76 18.01 -6.21
N GLY A 228 -12.61 17.32 -5.45
CA GLY A 228 -12.15 16.44 -4.39
C GLY A 228 -12.00 14.98 -4.78
N ALA A 229 -12.70 14.57 -5.83
CA ALA A 229 -12.61 13.23 -6.40
C ALA A 229 -13.38 13.26 -7.73
N THR A 230 -13.27 12.15 -8.47
CA THR A 230 -13.87 12.07 -9.79
C THR A 230 -14.26 10.63 -10.09
N SER A 231 -15.36 10.48 -10.83
CA SER A 231 -15.81 9.15 -11.20
C SER A 231 -16.39 9.29 -12.61
N HIS A 232 -15.70 8.69 -13.59
CA HIS A 232 -16.02 8.86 -15.00
C HIS A 232 -16.80 7.67 -15.54
N HIS A 233 -17.73 7.96 -16.46
CA HIS A 233 -18.24 6.95 -17.38
C HIS A 233 -17.57 7.16 -18.73
N LEU A 234 -16.84 6.14 -19.17
CA LEU A 234 -16.07 6.19 -20.39
C LEU A 234 -16.85 5.64 -21.55
N GLY A 235 -17.94 4.94 -21.26
CA GLY A 235 -18.77 4.44 -22.36
C GLY A 235 -17.98 3.42 -23.16
N GLN A 236 -17.96 3.59 -24.47
CA GLN A 236 -17.24 2.67 -25.36
C GLN A 236 -15.99 3.28 -25.99
N ASN A 237 -15.57 4.47 -25.56
CA ASN A 237 -14.40 5.12 -26.16
C ASN A 237 -13.16 4.24 -26.04
N PHE A 238 -12.83 3.85 -24.81
CA PHE A 238 -11.61 3.10 -24.61
C PHE A 238 -11.74 1.66 -25.10
N SER A 239 -12.92 1.05 -25.02
CA SER A 239 -13.05 -0.32 -25.50
C SER A 239 -12.88 -0.39 -27.00
N ARG A 240 -13.38 0.64 -27.71
CA ARG A 240 -13.15 0.73 -29.15
C ARG A 240 -11.68 1.01 -29.46
N MET A 241 -11.02 1.81 -28.62
CA MET A 241 -9.61 2.10 -28.84
C MET A 241 -8.74 0.87 -28.66
N PHE A 242 -9.00 0.08 -27.62
CA PHE A 242 -8.15 -1.04 -27.26
C PHE A 242 -8.74 -2.38 -27.67
N ASP A 243 -9.82 -2.38 -28.44
CA ASP A 243 -10.48 -3.61 -28.89
C ASP A 243 -10.83 -4.51 -27.71
N ILE A 244 -11.52 -3.94 -26.72
CA ILE A 244 -12.00 -4.72 -25.60
C ILE A 244 -13.40 -5.21 -25.98
N VAL A 245 -13.46 -6.44 -26.49
CA VAL A 245 -14.69 -6.95 -27.10
C VAL A 245 -15.03 -8.32 -26.55
N TYR A 246 -16.27 -8.71 -26.80
CA TYR A 246 -16.74 -10.08 -26.61
C TYR A 246 -17.71 -10.38 -27.74
N GLU A 247 -18.03 -11.65 -27.93
CA GLU A 247 -19.03 -12.04 -28.91
C GLU A 247 -20.35 -12.29 -28.19
N HIS A 248 -21.42 -11.65 -28.67
CA HIS A 248 -22.74 -11.87 -28.10
C HIS A 248 -23.13 -13.33 -28.24
N PRO A 249 -23.57 -13.99 -27.16
CA PRO A 249 -23.72 -15.46 -27.23
C PRO A 249 -24.72 -15.94 -28.27
N GLU A 250 -25.79 -15.18 -28.53
CA GLU A 250 -26.70 -15.49 -29.64
C GLU A 250 -26.63 -14.37 -30.65
N THR A 251 -26.30 -14.72 -31.90
CA THR A 251 -26.02 -13.89 -33.07
C THR A 251 -24.54 -13.56 -33.21
N LYS A 252 -23.73 -13.76 -32.17
CA LYS A 252 -22.27 -13.72 -32.27
C LYS A 252 -21.75 -12.45 -32.92
N GLU A 253 -22.43 -11.33 -32.72
CA GLU A 253 -21.88 -10.03 -33.11
C GLU A 253 -20.81 -9.61 -32.10
N LYS A 254 -19.88 -8.78 -32.56
CA LYS A 254 -18.82 -8.27 -31.69
C LYS A 254 -19.36 -7.07 -30.91
N GLU A 255 -19.31 -7.16 -29.58
CA GLU A 255 -19.75 -6.12 -28.68
C GLU A 255 -18.55 -5.47 -28.01
N TYR A 256 -18.60 -4.15 -27.89
CA TYR A 256 -17.63 -3.36 -27.14
C TYR A 256 -18.15 -3.14 -25.72
N VAL A 257 -17.28 -3.35 -24.72
CA VAL A 257 -17.69 -3.23 -23.33
C VAL A 257 -17.90 -1.76 -22.97
N PHE A 258 -18.60 -1.54 -21.87
CA PHE A 258 -18.84 -0.20 -21.36
C PHE A 258 -17.97 0.00 -20.13
N GLN A 259 -17.23 1.10 -20.08
CA GLN A 259 -16.21 1.23 -19.04
C GLN A 259 -16.40 2.47 -18.20
N ASN A 260 -15.96 2.34 -16.95
CA ASN A 260 -15.80 3.42 -15.99
C ASN A 260 -14.38 3.43 -15.43
N SER A 261 -13.99 4.61 -14.93
CA SER A 261 -12.80 4.74 -14.09
C SER A 261 -13.09 5.79 -13.03
N TRP A 262 -12.40 5.66 -11.90
CA TRP A 262 -12.71 6.55 -10.79
C TRP A 262 -11.50 6.61 -9.87
N GLY A 263 -11.25 7.77 -9.30
CA GLY A 263 -10.03 7.95 -8.55
C GLY A 263 -10.16 8.98 -7.46
N ILE A 264 -9.38 8.79 -6.40
CA ILE A 264 -9.29 9.79 -5.35
C ILE A 264 -7.89 9.71 -4.76
N THR A 265 -7.40 10.86 -4.26
CA THR A 265 -5.99 11.06 -3.90
C THR A 265 -5.82 11.64 -2.51
N THR A 266 -4.54 11.84 -2.16
CA THR A 266 -4.13 12.55 -0.95
C THR A 266 -4.60 14.00 -0.93
N ARG A 267 -5.18 14.49 -2.03
CA ARG A 267 -5.79 15.82 -2.01
C ARG A 267 -6.75 15.97 -0.85
N THR A 268 -7.46 14.88 -0.52
CA THR A 268 -8.34 14.81 0.66
C THR A 268 -7.73 15.50 1.87
N ILE A 269 -6.48 15.15 2.18
CA ILE A 269 -5.81 15.68 3.37
C ILE A 269 -5.63 17.18 3.24
N GLY A 270 -5.21 17.64 2.07
CA GLY A 270 -5.16 19.06 1.81
C GLY A 270 -6.49 19.73 2.09
N VAL A 271 -7.57 19.18 1.53
CA VAL A 271 -8.85 19.85 1.74
C VAL A 271 -9.16 19.89 3.22
N MET A 272 -8.84 18.79 3.92
CA MET A 272 -9.05 18.73 5.35
C MET A 272 -8.39 19.92 6.04
N ILE A 273 -7.10 20.13 5.77
CA ILE A 273 -6.41 21.24 6.42
C ILE A 273 -7.12 22.53 6.08
N MET A 274 -7.31 22.77 4.77
CA MET A 274 -7.82 24.06 4.33
C MET A 274 -9.18 24.33 4.94
N VAL A 275 -9.97 23.29 5.20
CA VAL A 275 -11.31 23.55 5.72
C VAL A 275 -11.27 23.70 7.23
N HIS A 276 -10.53 22.83 7.92
CA HIS A 276 -10.70 22.76 9.37
C HIS A 276 -9.55 23.37 10.18
N ALA A 277 -8.34 23.41 9.64
CA ALA A 277 -7.24 23.90 10.44
C ALA A 277 -7.44 25.37 10.76
N ASP A 278 -6.88 25.80 11.90
CA ASP A 278 -7.06 27.19 12.33
C ASP A 278 -5.73 27.83 12.66
N ASN A 279 -5.78 28.97 13.36
CA ASN A 279 -4.57 29.71 13.62
C ASN A 279 -3.72 29.10 14.72
N GLN A 280 -4.20 28.06 15.40
CA GLN A 280 -3.36 27.30 16.31
C GLN A 280 -2.86 26.00 15.69
N GLY A 281 -3.23 25.69 14.45
CA GLY A 281 -2.68 24.50 13.83
C GLY A 281 -3.77 23.60 13.30
N LEU A 282 -3.43 22.31 13.18
CA LEU A 282 -4.35 21.31 12.67
C LEU A 282 -5.58 21.14 13.57
N VAL A 283 -6.68 20.74 12.97
CA VAL A 283 -7.84 20.27 13.70
C VAL A 283 -8.28 19.00 12.99
N LEU A 284 -8.04 17.85 13.62
CA LEU A 284 -8.27 16.60 12.90
C LEU A 284 -9.70 16.15 13.11
N PRO A 285 -10.42 15.82 12.03
CA PRO A 285 -11.72 15.17 12.20
C PRO A 285 -11.52 13.88 12.97
N PRO A 286 -12.36 13.62 13.98
CA PRO A 286 -12.11 12.49 14.88
C PRO A 286 -11.96 11.15 14.18
N ARG A 287 -12.63 10.92 13.05
CA ARG A 287 -12.64 9.60 12.46
C ARG A 287 -11.37 9.27 11.70
N VAL A 288 -10.50 10.23 11.42
CA VAL A 288 -9.23 9.97 10.79
C VAL A 288 -8.04 10.32 11.68
N ALA A 289 -8.26 10.87 12.87
CA ALA A 289 -7.13 11.29 13.69
C ALA A 289 -6.39 10.08 14.26
N CYS A 290 -5.08 9.99 13.98
CA CYS A 290 -4.31 8.83 14.41
C CYS A 290 -4.38 8.64 15.92
N ILE A 291 -4.22 9.72 16.68
CA ILE A 291 -4.58 9.78 18.09
C ILE A 291 -5.80 10.66 18.22
N GLN A 292 -6.85 10.13 18.85
CA GLN A 292 -8.09 10.90 19.06
C GLN A 292 -8.08 11.65 20.39
N VAL A 293 -7.49 11.04 21.41
CA VAL A 293 -7.46 11.56 22.78
C VAL A 293 -6.02 11.49 23.27
N VAL A 294 -5.48 12.61 23.74
CA VAL A 294 -4.15 12.57 24.35
C VAL A 294 -4.25 13.07 25.78
N ILE A 295 -3.66 12.32 26.71
CA ILE A 295 -3.68 12.62 28.13
C ILE A 295 -2.40 13.35 28.50
N VAL A 296 -2.56 14.55 29.05
CA VAL A 296 -1.46 15.37 29.53
C VAL A 296 -1.54 15.42 31.05
N PRO A 297 -0.52 14.94 31.78
CA PRO A 297 -0.54 15.07 33.25
C PRO A 297 -0.21 16.48 33.68
N CYS A 298 -1.03 17.02 34.58
CA CYS A 298 -0.94 18.41 35.00
C CYS A 298 -0.68 18.52 36.49
N GLY A 299 -0.26 19.72 36.91
CA GLY A 299 -0.05 19.99 38.32
C GLY A 299 1.24 19.47 38.91
N ILE A 300 2.23 19.11 38.08
CA ILE A 300 3.53 18.65 38.57
C ILE A 300 4.38 19.88 38.90
N THR A 301 4.59 20.14 40.19
CA THR A 301 5.43 21.24 40.60
C THR A 301 6.90 20.81 40.58
N ALA A 302 7.78 21.74 40.94
CA ALA A 302 9.14 21.36 41.29
C ALA A 302 9.19 20.64 42.63
N THR A 303 8.14 20.77 43.43
CA THR A 303 8.01 20.09 44.71
C THR A 303 7.26 18.77 44.63
N THR A 304 6.83 18.36 43.43
CA THR A 304 6.13 17.08 43.29
C THR A 304 7.14 15.94 43.44
N THR A 305 6.89 15.06 44.41
CA THR A 305 7.84 14.00 44.72
C THR A 305 7.69 12.84 43.75
N ASP A 306 8.69 11.94 43.77
CA ASP A 306 8.80 10.93 42.70
C ASP A 306 7.74 9.85 42.83
N ASP A 307 7.38 9.47 44.06
CA ASP A 307 6.31 8.50 44.24
C ASP A 307 4.98 9.05 43.75
N GLU A 308 4.72 10.35 44.01
CA GLU A 308 3.50 10.98 43.51
C GLU A 308 3.51 11.13 41.98
N ARG A 309 4.68 11.36 41.38
CA ARG A 309 4.77 11.39 39.91
C ARG A 309 4.49 10.01 39.32
N ARG A 310 5.08 8.96 39.91
CA ARG A 310 4.74 7.61 39.47
C ARG A 310 3.24 7.34 39.62
N ARG A 311 2.66 7.78 40.73
CA ARG A 311 1.23 7.52 40.96
C ARG A 311 0.37 8.19 39.90
N LEU A 312 0.64 9.46 39.61
CA LEU A 312 -0.13 10.16 38.60
C LEU A 312 0.04 9.55 37.21
N TYR A 313 1.28 9.16 36.86
CA TYR A 313 1.49 8.56 35.55
C TYR A 313 0.77 7.22 35.44
N GLU A 314 0.81 6.41 36.49
CA GLU A 314 0.15 5.10 36.43
C GLU A 314 -1.36 5.25 36.35
N SER A 315 -1.93 6.24 37.03
CA SER A 315 -3.36 6.48 36.87
C SER A 315 -3.70 6.95 35.45
N CYS A 316 -2.88 7.84 34.89
CA CYS A 316 -3.11 8.27 33.52
C CYS A 316 -3.07 7.10 32.56
N ARG A 317 -2.07 6.23 32.73
CA ARG A 317 -1.92 5.04 31.89
C ARG A 317 -3.08 4.09 32.05
N GLU A 318 -3.62 3.97 33.26
CA GLU A 318 -4.82 3.16 33.46
C GLU A 318 -5.98 3.70 32.63
N LEU A 319 -6.23 5.02 32.71
CA LEU A 319 -7.27 5.63 31.90
C LEU A 319 -7.00 5.46 30.40
N GLU A 320 -5.74 5.67 29.99
CA GLU A 320 -5.35 5.51 28.61
C GLU A 320 -5.69 4.11 28.10
N GLN A 321 -5.36 3.09 28.89
CA GLN A 321 -5.59 1.75 28.38
C GLN A 321 -7.07 1.38 28.45
N THR A 322 -7.82 1.92 29.41
CA THR A 322 -9.26 1.74 29.39
C THR A 322 -9.86 2.35 28.12
N PHE A 323 -9.34 3.50 27.68
CA PHE A 323 -9.81 4.08 26.42
C PHE A 323 -9.45 3.22 25.22
N VAL A 324 -8.21 2.71 25.18
CA VAL A 324 -7.79 1.93 24.02
C VAL A 324 -8.60 0.64 23.92
N LYS A 325 -8.85 -0.01 25.05
CA LYS A 325 -9.62 -1.26 25.04
C LYS A 325 -11.05 -1.05 24.56
N ALA A 326 -11.65 0.11 24.82
CA ALA A 326 -12.98 0.42 24.32
C ALA A 326 -12.95 1.03 22.91
N GLY A 327 -11.83 0.91 22.19
CA GLY A 327 -11.75 1.34 20.82
C GLY A 327 -11.56 2.82 20.58
N ILE A 328 -11.21 3.60 21.61
CA ILE A 328 -10.86 4.99 21.44
C ILE A 328 -9.34 5.08 21.33
N ARG A 329 -8.85 5.70 20.26
CA ARG A 329 -7.40 5.77 20.02
C ARG A 329 -6.83 6.85 20.95
N CYS A 330 -6.24 6.42 22.06
CA CYS A 330 -5.76 7.31 23.10
C CYS A 330 -4.30 7.06 23.40
N GLU A 331 -3.54 8.12 23.63
CA GLU A 331 -2.15 8.02 24.08
C GLU A 331 -1.89 9.05 25.17
N GLY A 332 -0.96 8.73 26.06
CA GLY A 332 -0.54 9.64 27.12
C GLY A 332 0.84 10.20 26.81
N ASP A 333 1.04 11.47 27.13
CA ASP A 333 2.33 12.13 26.96
C ASP A 333 3.00 12.24 28.32
N TYR A 334 3.88 11.27 28.61
CA TYR A 334 4.53 11.15 29.91
C TYR A 334 5.95 11.72 29.92
N ARG A 335 6.23 12.73 29.10
CA ARG A 335 7.57 13.29 29.01
C ARG A 335 7.80 14.32 30.10
N ASP A 336 8.95 14.25 30.75
CA ASP A 336 9.24 15.12 31.90
C ASP A 336 10.03 16.37 31.56
N ASN A 337 10.58 16.46 30.35
CA ASN A 337 11.35 17.64 29.96
C ASN A 337 10.47 18.75 29.39
N TYR A 338 9.19 18.48 29.16
CA TYR A 338 8.27 19.43 28.59
C TYR A 338 7.18 19.77 29.59
N SER A 339 6.87 21.06 29.71
CA SER A 339 5.81 21.49 30.61
C SER A 339 4.45 21.08 30.05
N PRO A 340 3.45 21.00 30.93
CA PRO A 340 2.06 20.80 30.44
C PRO A 340 1.65 21.79 29.37
N GLY A 341 2.00 23.07 29.52
CA GLY A 341 1.63 24.06 28.52
C GLY A 341 2.28 23.80 27.17
N TRP A 342 3.56 23.40 27.19
CA TRP A 342 4.23 22.98 25.96
C TRP A 342 3.44 21.87 25.28
N LYS A 343 3.02 20.86 26.05
CA LYS A 343 2.29 19.73 25.48
C LYS A 343 0.94 20.18 24.92
N TYR A 344 0.28 21.12 25.60
CA TYR A 344 -0.95 21.69 25.06
C TYR A 344 -0.71 22.26 23.67
N ASN A 345 0.31 23.12 23.54
CA ASN A 345 0.62 23.69 22.23
C ASN A 345 0.99 22.61 21.22
N HIS A 346 1.78 21.62 21.63
CA HIS A 346 2.26 20.60 20.71
C HIS A 346 1.10 19.81 20.12
N TRP A 347 0.23 19.28 20.99
CA TRP A 347 -0.86 18.45 20.51
C TRP A 347 -1.94 19.28 19.85
N GLU A 348 -2.04 20.57 20.19
CA GLU A 348 -2.90 21.47 19.43
C GLU A 348 -2.40 21.64 18.00
N LEU A 349 -1.09 21.87 17.85
CA LEU A 349 -0.51 21.98 16.52
C LEU A 349 -0.79 20.72 15.71
N LYS A 350 -0.69 19.56 16.37
CA LYS A 350 -0.98 18.31 15.68
C LYS A 350 -2.48 18.03 15.51
N GLY A 351 -3.35 18.79 16.18
CA GLY A 351 -4.77 18.68 15.87
C GLY A 351 -5.55 17.59 16.56
N VAL A 352 -5.01 17.01 17.63
CA VAL A 352 -5.72 15.91 18.32
C VAL A 352 -7.08 16.39 18.82
N PRO A 353 -8.16 15.67 18.51
CA PRO A 353 -9.50 16.23 18.77
C PRO A 353 -9.77 16.52 20.25
N VAL A 354 -9.31 15.67 21.16
CA VAL A 354 -9.56 15.88 22.58
C VAL A 354 -8.23 15.78 23.32
N ARG A 355 -7.97 16.76 24.16
CA ARG A 355 -6.87 16.73 25.12
C ARG A 355 -7.46 16.50 26.52
N ILE A 356 -6.93 15.52 27.22
CA ILE A 356 -7.32 15.31 28.61
C ILE A 356 -6.26 15.96 29.49
N GLU A 357 -6.72 16.78 30.42
CA GLU A 357 -5.91 17.36 31.48
C GLU A 357 -6.28 16.63 32.77
N LEU A 358 -5.29 15.96 33.36
CA LEU A 358 -5.48 15.17 34.58
C LEU A 358 -4.37 15.51 35.56
N GLY A 359 -4.71 16.29 36.59
CA GLY A 359 -3.81 16.63 37.65
C GLY A 359 -4.16 15.93 38.95
N PHE A 360 -3.61 16.46 40.05
CA PHE A 360 -3.79 15.81 41.35
C PHE A 360 -5.19 16.06 41.92
N LYS A 361 -5.69 17.29 41.78
CA LYS A 361 -7.07 17.56 42.16
C LYS A 361 -8.04 16.67 41.38
N ASP A 362 -7.79 16.50 40.08
CA ASP A 362 -8.61 15.59 39.28
C ASP A 362 -8.55 14.18 39.84
N LEU A 363 -7.34 13.72 40.17
CA LEU A 363 -7.16 12.36 40.69
C LEU A 363 -7.95 12.14 41.97
N GLN A 364 -7.92 13.13 42.88
CA GLN A 364 -8.61 12.97 44.16
C GLN A 364 -10.13 13.01 44.01
N ASN A 365 -10.65 13.57 42.93
CA ASN A 365 -12.09 13.65 42.71
C ASN A 365 -12.60 12.63 41.70
N ASP A 366 -11.78 11.64 41.36
CA ASP A 366 -12.11 10.62 40.37
C ASP A 366 -12.73 11.25 39.11
N GLN A 367 -12.04 12.26 38.57
CA GLN A 367 -12.52 12.93 37.38
C GLN A 367 -11.35 13.37 36.53
N PHE A 368 -11.66 13.91 35.35
CA PHE A 368 -10.65 14.56 34.51
C PHE A 368 -11.34 15.65 33.70
N VAL A 369 -10.53 16.45 32.99
CA VAL A 369 -11.07 17.50 32.12
C VAL A 369 -10.71 17.19 30.67
N ALA A 370 -11.72 17.22 29.81
CA ALA A 370 -11.55 17.02 28.38
C ALA A 370 -11.73 18.36 27.70
N VAL A 371 -10.78 18.70 26.84
CA VAL A 371 -10.78 19.96 26.11
C VAL A 371 -10.90 19.63 24.63
N ARG A 372 -11.85 20.29 23.97
CA ARG A 372 -12.07 20.14 22.55
C ARG A 372 -11.06 20.99 21.78
N ARG A 373 -10.35 20.35 20.85
CA ARG A 373 -9.41 21.09 20.02
C ARG A 373 -10.13 22.12 19.17
N ASP A 374 -11.31 21.74 18.65
CA ASP A 374 -11.99 22.62 17.71
C ASP A 374 -12.58 23.84 18.41
N ASN A 375 -13.17 23.66 19.60
CA ASN A 375 -13.87 24.68 20.37
C ASN A 375 -12.98 25.39 21.36
N GLY A 376 -12.02 24.67 21.94
CA GLY A 376 -11.42 25.09 23.18
C GLY A 376 -12.25 24.80 24.39
N ALA A 377 -13.49 24.32 24.23
CA ALA A 377 -14.38 24.18 25.36
C ALA A 377 -13.93 23.04 26.27
N LYS A 378 -14.04 23.27 27.57
CA LYS A 378 -13.61 22.33 28.61
C LYS A 378 -14.83 21.69 29.24
N GLN A 379 -14.68 20.44 29.64
CA GLN A 379 -15.79 19.71 30.24
C GLN A 379 -15.21 18.71 31.24
N THR A 380 -15.79 18.66 32.42
CA THR A 380 -15.35 17.75 33.47
C THR A 380 -16.16 16.46 33.41
N ILE A 381 -15.47 15.32 33.49
CA ILE A 381 -16.10 14.01 33.36
C ILE A 381 -15.63 13.14 34.51
N LYS A 382 -16.59 12.51 35.20
CA LYS A 382 -16.25 11.51 36.21
C LYS A 382 -15.64 10.29 35.54
N ARG A 383 -14.63 9.71 36.18
CA ARG A 383 -13.86 8.64 35.54
C ARG A 383 -14.75 7.45 35.17
N ALA A 384 -15.72 7.12 36.03
CA ALA A 384 -16.62 6.00 35.77
C ALA A 384 -17.44 6.20 34.49
N GLN A 385 -17.62 7.42 34.11
CA GLN A 385 -18.36 7.71 32.93
C GLN A 385 -17.48 7.94 31.69
N ALA A 386 -16.18 7.78 31.81
CA ALA A 386 -15.25 8.01 30.70
C ALA A 386 -15.70 7.26 29.45
N THR A 387 -15.81 5.94 29.53
CA THR A 387 -16.08 5.14 28.34
C THR A 387 -17.42 5.48 27.70
N VAL A 388 -18.35 6.08 28.44
CA VAL A 388 -19.65 6.40 27.86
C VAL A 388 -19.67 7.82 27.30
N GLU A 389 -18.97 8.76 27.94
CA GLU A 389 -19.06 10.14 27.45
C GLU A 389 -18.07 10.43 26.33
N MET A 390 -16.85 9.85 26.41
CA MET A 390 -15.83 10.17 25.42
C MET A 390 -16.28 9.87 23.98
N PRO A 391 -16.88 8.71 23.66
CA PRO A 391 -17.37 8.52 22.28
C PRO A 391 -18.41 9.55 21.87
N LYS A 392 -19.37 9.84 22.75
CA LYS A 392 -20.39 10.84 22.45
C LYS A 392 -19.73 12.17 22.06
N LEU A 393 -18.78 12.61 22.86
CA LEU A 393 -18.05 13.84 22.58
C LEU A 393 -17.40 13.78 21.20
N LEU A 394 -16.74 12.66 20.89
CA LEU A 394 -16.08 12.55 19.60
C LEU A 394 -17.10 12.70 18.47
N GLU A 395 -18.30 12.12 18.64
CA GLU A 395 -19.34 12.32 17.64
C GLU A 395 -19.73 13.78 17.57
N THR A 396 -19.92 14.39 18.75
CA THR A 396 -20.27 15.80 18.83
C THR A 396 -19.26 16.63 18.04
N ILE A 397 -17.96 16.32 18.22
CA ILE A 397 -16.94 17.10 17.54
C ILE A 397 -17.11 16.99 16.04
N HIS A 398 -17.25 15.75 15.55
CA HIS A 398 -17.45 15.56 14.11
C HIS A 398 -18.63 16.40 13.65
N THR A 399 -19.76 16.30 14.35
CA THR A 399 -20.94 17.01 13.91
C THR A 399 -20.66 18.52 13.91
N SER A 400 -20.08 19.03 15.00
CA SER A 400 -19.76 20.45 15.01
C SER A 400 -18.93 20.81 13.79
N MET A 401 -17.84 20.06 13.56
CA MET A 401 -16.92 20.44 12.50
C MET A 401 -17.64 20.46 11.18
N TYR A 402 -18.39 19.40 10.90
CA TYR A 402 -19.12 19.34 9.63
C TYR A 402 -20.06 20.52 9.54
N GLU A 403 -20.85 20.74 10.58
CA GLU A 403 -21.88 21.75 10.49
C GLU A 403 -21.25 23.13 10.33
N ARG A 404 -20.12 23.35 11.01
CA ARG A 404 -19.46 24.64 10.83
C ARG A 404 -19.10 24.82 9.36
N ALA A 405 -18.46 23.80 8.78
CA ALA A 405 -18.05 23.90 7.39
C ALA A 405 -19.28 24.05 6.50
N GLU A 406 -20.36 23.35 6.81
CA GLU A 406 -21.51 23.44 5.92
C GLU A 406 -22.15 24.81 6.00
N ARG A 407 -22.21 25.40 7.19
CA ARG A 407 -22.71 26.76 7.28
C ARG A 407 -21.85 27.66 6.42
N ASP A 408 -20.53 27.48 6.53
CA ASP A 408 -19.61 28.32 5.79
C ASP A 408 -19.79 28.12 4.30
N LEU A 409 -20.20 26.92 3.88
CA LEU A 409 -20.36 26.70 2.45
C LEU A 409 -21.66 27.31 1.95
N GLN A 410 -22.74 27.22 2.73
CA GLN A 410 -23.99 27.78 2.25
C GLN A 410 -23.97 29.29 2.33
N SER A 411 -23.20 29.82 3.30
CA SER A 411 -22.95 31.25 3.38
C SER A 411 -22.29 31.78 2.11
N HIS A 412 -21.44 30.98 1.48
CA HIS A 412 -20.70 31.39 0.30
C HIS A 412 -21.33 30.90 -1.00
N THR A 413 -22.50 30.27 -0.94
CA THR A 413 -23.18 29.81 -2.15
C THR A 413 -24.28 30.81 -2.47
N LYS A 414 -24.23 31.36 -3.68
CA LYS A 414 -25.16 32.39 -4.08
C LYS A 414 -25.86 31.96 -5.35
N LEU A 415 -27.11 32.39 -5.48
CA LEU A 415 -27.96 32.05 -6.61
C LEU A 415 -28.35 33.35 -7.30
N THR A 416 -28.22 33.41 -8.62
CA THR A 416 -28.66 34.60 -9.36
C THR A 416 -28.98 34.22 -10.79
N LYS A 417 -29.69 35.13 -11.46
CA LYS A 417 -30.01 34.99 -12.88
C LYS A 417 -29.41 36.10 -13.74
N GLN A 418 -28.86 37.10 -13.06
CA GLN A 418 -28.28 38.29 -13.68
C GLN A 418 -26.79 38.39 -13.62
N TRP A 419 -26.16 38.69 -14.75
CA TRP A 419 -24.70 38.72 -14.79
C TRP A 419 -24.10 39.69 -13.76
N ALA A 420 -24.76 40.83 -13.55
CA ALA A 420 -24.22 41.85 -12.64
C ALA A 420 -24.08 41.32 -11.22
N GLU A 421 -25.16 40.73 -10.68
CA GLU A 421 -25.08 40.11 -9.37
C GLU A 421 -24.08 38.96 -9.37
N PHE A 422 -24.01 38.21 -10.47
CA PHE A 422 -23.06 37.11 -10.60
C PHE A 422 -21.64 37.59 -10.33
N LEU A 423 -21.24 38.69 -10.99
CA LEU A 423 -19.87 39.18 -10.83
C LEU A 423 -19.64 39.83 -9.47
N GLN A 424 -20.67 40.41 -8.92
CA GLN A 424 -20.54 40.99 -7.63
C GLN A 424 -20.25 39.91 -6.64
N PHE A 425 -20.94 38.80 -6.81
CA PHE A 425 -20.75 37.64 -5.94
C PHE A 425 -19.38 37.00 -6.15
N LEU A 426 -18.93 36.89 -7.41
CA LEU A 426 -17.62 36.30 -7.65
C LEU A 426 -16.52 37.11 -6.97
N GLU A 427 -16.65 38.43 -6.96
CA GLU A 427 -15.60 39.23 -6.34
C GLU A 427 -15.70 39.24 -4.81
N THR A 428 -16.85 38.81 -4.27
CA THR A 428 -17.02 38.65 -2.83
C THR A 428 -16.66 37.24 -2.36
N LYS A 429 -15.78 36.56 -3.05
CA LYS A 429 -15.39 35.21 -2.71
C LYS A 429 -16.54 34.29 -2.53
N ASN A 430 -17.48 34.31 -3.42
CA ASN A 430 -18.60 33.39 -3.41
C ASN A 430 -18.53 32.46 -4.62
N ILE A 431 -19.18 31.33 -4.49
CA ILE A 431 -19.46 30.49 -5.64
C ILE A 431 -20.93 30.70 -5.99
N ILE A 432 -21.23 30.63 -7.29
CA ILE A 432 -22.50 31.14 -7.81
C ILE A 432 -23.21 30.06 -8.62
N MET A 433 -24.48 29.84 -8.29
CA MET A 433 -25.37 29.00 -9.09
C MET A 433 -26.15 29.89 -10.04
N ALA A 434 -26.02 29.62 -11.34
CA ALA A 434 -26.66 30.45 -12.34
C ALA A 434 -27.18 29.57 -13.46
N PRO A 435 -28.30 29.92 -14.08
CA PRO A 435 -28.73 29.24 -15.30
C PRO A 435 -27.64 29.31 -16.37
N PHE A 436 -27.44 28.19 -17.05
CA PHE A 436 -26.40 28.02 -18.04
C PHE A 436 -26.94 27.13 -19.14
N CYS A 437 -26.53 27.49 -20.37
CA CYS A 437 -26.85 26.76 -21.58
C CYS A 437 -25.98 25.52 -21.74
N GLY A 438 -24.75 25.57 -21.26
CA GLY A 438 -23.86 24.44 -21.32
C GLY A 438 -22.93 24.41 -22.51
N GLU A 439 -22.90 25.47 -23.33
CA GLU A 439 -22.03 25.51 -24.48
C GLU A 439 -20.59 25.82 -24.06
N ILE A 440 -19.64 25.21 -24.76
CA ILE A 440 -18.23 25.40 -24.41
C ILE A 440 -17.81 26.84 -24.70
N SER A 441 -18.21 27.38 -25.85
CA SER A 441 -17.83 28.74 -26.20
C SER A 441 -18.31 29.74 -25.16
N CYS A 442 -19.57 29.59 -24.72
CA CYS A 442 -20.18 30.49 -23.74
C CYS A 442 -19.48 30.39 -22.40
N GLU A 443 -19.07 29.18 -22.01
CA GLU A 443 -18.30 29.00 -20.78
C GLU A 443 -16.95 29.71 -20.89
N ASP A 444 -16.29 29.61 -22.04
CA ASP A 444 -15.05 30.34 -22.26
C ASP A 444 -15.29 31.83 -22.11
N ARG A 445 -16.40 32.33 -22.64
CA ARG A 445 -16.69 33.76 -22.56
C ARG A 445 -16.95 34.19 -21.13
N ILE A 446 -17.69 33.37 -20.38
CA ILE A 446 -17.97 33.65 -18.97
C ILE A 446 -16.67 33.75 -18.19
N LYS A 447 -15.74 32.82 -18.44
CA LYS A 447 -14.44 32.89 -17.78
C LYS A 447 -13.67 34.13 -18.20
N ALA A 448 -13.71 34.48 -19.49
CA ALA A 448 -12.91 35.59 -20.00
C ALA A 448 -13.38 36.92 -19.42
N GLU A 449 -14.68 37.10 -19.27
CA GLU A 449 -15.20 38.39 -18.85
C GLU A 449 -15.35 38.49 -17.33
N SER A 450 -14.55 37.74 -16.56
CA SER A 450 -14.49 37.89 -15.11
C SER A 450 -13.09 38.13 -14.56
N ALA A 451 -12.04 37.96 -15.37
CA ALA A 451 -10.70 38.38 -14.98
C ALA A 451 -10.44 39.79 -15.50
N ARG A 452 -9.63 40.53 -14.76
CA ARG A 452 -9.36 41.94 -15.08
C ARG A 452 -8.42 42.11 -16.29
N ALA A 463 -5.48 31.92 -11.65
CA ALA A 463 -6.49 32.44 -12.56
C ALA A 463 -7.70 32.93 -11.79
N MET A 464 -8.22 34.12 -12.14
CA MET A 464 -9.30 34.70 -11.37
C MET A 464 -10.59 34.87 -12.17
N GLY A 465 -10.64 34.37 -13.40
CA GLY A 465 -11.91 34.22 -14.08
C GLY A 465 -12.76 33.11 -13.46
N ALA A 466 -14.03 33.09 -13.85
CA ALA A 466 -14.99 32.16 -13.27
C ALA A 466 -15.10 30.91 -14.14
N LYS A 467 -14.77 29.76 -13.56
CA LYS A 467 -14.89 28.47 -14.20
C LYS A 467 -16.12 27.74 -13.67
N SER A 468 -16.63 26.81 -14.48
CA SER A 468 -17.70 25.96 -14.00
C SER A 468 -17.12 24.89 -13.07
N LEU A 469 -17.76 24.70 -11.91
CA LEU A 469 -17.35 23.65 -11.00
C LEU A 469 -18.16 22.39 -11.22
N CYS A 470 -19.49 22.51 -11.22
CA CYS A 470 -20.24 21.31 -11.58
C CYS A 470 -21.68 21.69 -11.89
N ILE A 471 -22.37 20.79 -12.58
CA ILE A 471 -23.81 20.85 -12.74
C ILE A 471 -24.42 20.00 -11.62
N PRO A 472 -25.02 20.62 -10.60
CA PRO A 472 -25.32 19.89 -9.36
C PRO A 472 -26.48 18.92 -9.51
N PHE A 473 -26.31 17.73 -8.93
CA PHE A 473 -27.39 16.75 -8.96
C PHE A 473 -28.67 17.32 -8.34
N GLU A 474 -28.53 18.07 -7.26
CA GLU A 474 -29.64 18.69 -6.59
C GLU A 474 -29.75 20.14 -7.02
N GLN A 475 -30.65 20.43 -7.95
CA GLN A 475 -30.76 21.77 -8.51
C GLN A 475 -31.39 22.73 -7.51
N PRO A 476 -30.96 24.00 -7.49
CA PRO A 476 -31.59 24.96 -6.57
C PRO A 476 -33.00 25.33 -6.97
N ALA A 477 -33.35 25.21 -8.25
CA ALA A 477 -34.71 25.41 -8.72
C ALA A 477 -34.83 24.74 -10.08
N LYS A 478 -36.04 24.79 -10.66
CA LYS A 478 -36.29 24.20 -11.97
C LYS A 478 -36.06 25.23 -13.06
N ILE A 479 -35.08 24.99 -13.93
CA ILE A 479 -34.78 25.93 -15.01
C ILE A 479 -35.86 25.82 -16.08
N ASP A 480 -36.99 26.53 -15.88
CA ASP A 480 -38.15 26.64 -16.77
C ASP A 480 -37.73 26.97 -18.20
N PRO A 481 -37.87 26.03 -19.15
CA PRO A 481 -37.42 26.33 -20.52
C PRO A 481 -38.19 27.46 -21.19
N LYS A 482 -39.41 27.74 -20.74
CA LYS A 482 -40.20 28.80 -21.34
C LYS A 482 -39.83 30.18 -20.82
N VAL A 483 -39.08 30.27 -19.72
CA VAL A 483 -38.84 31.53 -19.02
C VAL A 483 -37.35 31.83 -18.86
N ASP A 484 -36.59 30.85 -18.36
CA ASP A 484 -35.19 31.09 -17.97
C ASP A 484 -34.25 30.97 -19.15
N LYS A 485 -33.26 31.84 -19.15
CA LYS A 485 -32.24 31.88 -20.19
C LYS A 485 -30.86 31.85 -19.59
N CYS A 486 -29.82 31.69 -20.40
CA CYS A 486 -28.46 31.61 -19.89
C CYS A 486 -28.06 32.91 -19.20
N VAL A 487 -27.19 32.79 -18.19
CA VAL A 487 -26.90 33.92 -17.32
C VAL A 487 -26.04 34.97 -18.02
N HIS A 488 -25.24 34.58 -19.01
CA HIS A 488 -24.41 35.55 -19.71
C HIS A 488 -25.29 36.41 -20.61
N PRO A 489 -25.13 37.74 -20.58
CA PRO A 489 -26.02 38.59 -21.38
C PRO A 489 -25.85 38.42 -22.88
N ALA A 490 -24.75 37.83 -23.34
CA ALA A 490 -24.51 37.61 -24.77
C ALA A 490 -24.91 36.22 -25.25
N CYS A 491 -25.32 35.33 -24.35
CA CYS A 491 -25.91 34.05 -24.72
C CYS A 491 -27.43 34.20 -24.74
N GLY A 492 -28.03 33.95 -25.89
CA GLY A 492 -29.48 34.08 -25.97
C GLY A 492 -30.27 32.82 -25.68
N ARG A 493 -29.61 31.78 -25.21
CA ARG A 493 -30.17 30.44 -25.20
C ARG A 493 -31.02 30.18 -23.96
N VAL A 494 -31.90 29.19 -24.10
CA VAL A 494 -32.64 28.70 -22.95
C VAL A 494 -31.70 27.95 -22.02
N ALA A 495 -31.87 28.17 -20.73
CA ALA A 495 -31.10 27.54 -19.70
C ALA A 495 -31.45 26.09 -19.50
N LYS A 496 -30.52 25.19 -19.80
CA LYS A 496 -30.68 23.78 -19.56
C LYS A 496 -30.73 23.41 -18.09
N PHE A 497 -29.88 24.08 -17.32
CA PHE A 497 -29.74 23.82 -15.90
C PHE A 497 -29.07 24.90 -15.14
N TYR A 498 -29.11 24.80 -13.84
CA TYR A 498 -28.36 25.70 -13.04
C TYR A 498 -27.00 25.05 -12.91
N THR A 499 -25.95 25.79 -13.15
CA THR A 499 -24.56 25.36 -13.03
C THR A 499 -23.90 26.15 -11.91
N LEU A 500 -23.07 25.47 -11.13
CA LEU A 500 -22.28 26.12 -10.10
C LEU A 500 -20.90 26.47 -10.67
N PHE A 501 -20.56 27.77 -10.57
CA PHE A 501 -19.37 28.43 -11.07
C PHE A 501 -18.57 29.01 -9.91
N GLY A 502 -17.29 29.26 -10.16
CA GLY A 502 -16.44 29.93 -9.20
C GLY A 502 -15.01 29.95 -9.69
N ARG A 503 -14.15 30.59 -8.89
CA ARG A 503 -12.71 30.49 -9.05
C ARG A 503 -12.23 29.17 -8.48
N SER A 504 -11.35 28.47 -9.21
CA SER A 504 -10.96 27.12 -8.82
C SER A 504 -9.44 26.99 -8.69
N TYR A 505 -9.01 25.88 -8.11
CA TYR A 505 -7.59 25.55 -8.01
C TYR A 505 -7.10 24.92 -9.30
N GLY B 5 -5.03 -27.23 -18.27
CA GLY B 5 -3.96 -28.10 -17.80
C GLY B 5 -2.53 -27.61 -18.04
N LEU B 6 -1.62 -27.96 -17.12
CA LEU B 6 -0.22 -27.59 -17.30
C LEU B 6 0.42 -28.45 -18.38
N GLU B 7 1.27 -27.82 -19.20
CA GLU B 7 1.90 -28.47 -20.36
C GLU B 7 3.39 -28.70 -20.15
N ALA B 8 3.89 -28.54 -18.94
CA ALA B 8 5.29 -28.81 -18.61
C ALA B 8 5.34 -29.32 -17.18
N THR B 9 6.43 -30.01 -16.86
CA THR B 9 6.59 -30.59 -15.53
C THR B 9 7.73 -29.92 -14.79
N LYS B 10 7.58 -29.86 -13.47
CA LYS B 10 8.56 -29.22 -12.61
C LYS B 10 9.94 -29.85 -12.74
N GLU B 11 10.02 -31.12 -13.13
CA GLU B 11 11.29 -31.84 -13.23
C GLU B 11 11.98 -31.63 -14.56
N ASP B 12 11.20 -31.58 -15.64
CA ASP B 12 11.81 -31.59 -16.95
C ASP B 12 12.18 -30.20 -17.44
N ASN B 13 11.38 -29.17 -17.12
CA ASN B 13 11.63 -27.84 -17.66
C ASN B 13 11.08 -26.82 -16.67
N LEU B 14 11.90 -26.49 -15.70
CA LEU B 14 11.47 -25.61 -14.60
C LEU B 14 11.00 -24.24 -15.06
N PRO B 15 11.71 -23.51 -15.95
CA PRO B 15 11.25 -22.16 -16.31
C PRO B 15 9.91 -22.14 -17.04
N ASP B 16 9.67 -23.15 -17.87
CA ASP B 16 8.41 -23.31 -18.60
C ASP B 16 7.28 -23.67 -17.66
N TRP B 17 7.51 -24.66 -16.78
CA TRP B 17 6.53 -25.02 -15.78
C TRP B 17 6.18 -23.82 -14.89
N TYR B 18 7.18 -23.03 -14.52
CA TYR B 18 6.92 -21.87 -13.66
C TYR B 18 6.07 -20.83 -14.38
N SER B 19 6.39 -20.54 -15.65
CA SER B 19 5.60 -19.60 -16.43
C SER B 19 4.15 -20.07 -16.55
N GLN B 20 3.96 -21.37 -16.82
CA GLN B 20 2.61 -21.93 -16.94
C GLN B 20 1.86 -21.91 -15.62
N VAL B 21 2.55 -22.14 -14.50
CA VAL B 21 1.89 -22.11 -13.21
C VAL B 21 1.41 -20.70 -12.89
N ILE B 22 2.25 -19.69 -13.17
CA ILE B 22 1.82 -18.35 -12.76
C ILE B 22 0.77 -17.80 -13.72
N THR B 23 0.75 -18.24 -14.99
CA THR B 23 -0.28 -17.68 -15.87
C THR B 23 -1.59 -18.44 -15.80
N LYS B 24 -1.56 -19.77 -15.98
CA LYS B 24 -2.76 -20.59 -15.86
C LYS B 24 -3.34 -20.57 -14.46
N GLY B 25 -2.56 -20.25 -13.44
CA GLY B 25 -3.05 -20.03 -12.10
C GLY B 25 -3.54 -18.62 -11.82
N GLU B 26 -3.49 -17.76 -12.84
CA GLU B 26 -4.04 -16.40 -12.79
C GLU B 26 -3.34 -15.54 -11.74
N MET B 27 -2.02 -15.68 -11.63
CA MET B 27 -1.25 -14.88 -10.70
C MET B 27 -0.63 -13.65 -11.36
N ILE B 28 -0.24 -13.80 -12.61
CA ILE B 28 0.67 -12.89 -13.30
C ILE B 28 0.14 -12.70 -14.71
N GLU B 29 0.28 -11.49 -15.24
CA GLU B 29 0.11 -11.24 -16.66
C GLU B 29 1.40 -10.60 -17.16
N TYR B 30 1.90 -11.10 -18.29
CA TYR B 30 3.12 -10.55 -18.86
C TYR B 30 2.87 -9.20 -19.51
N TYR B 31 3.95 -8.45 -19.68
CA TYR B 31 3.94 -7.03 -19.93
C TYR B 31 4.95 -6.71 -21.03
N ASP B 32 4.74 -5.60 -21.75
CA ASP B 32 5.70 -5.24 -22.80
C ASP B 32 6.89 -4.42 -22.28
N VAL B 33 6.99 -4.18 -20.98
CA VAL B 33 8.21 -3.64 -20.38
C VAL B 33 8.90 -4.81 -19.68
N SER B 34 10.01 -5.27 -20.26
CA SER B 34 10.69 -6.45 -19.76
C SER B 34 11.10 -6.31 -18.30
N GLY B 35 11.03 -7.41 -17.54
CA GLY B 35 11.38 -7.39 -16.15
C GLY B 35 10.34 -6.83 -15.19
N CYS B 36 9.17 -6.42 -15.70
CA CYS B 36 8.04 -5.94 -14.91
C CYS B 36 6.82 -6.79 -15.21
N TYR B 37 6.06 -7.15 -14.17
CA TYR B 37 4.94 -8.06 -14.33
C TYR B 37 3.69 -7.55 -13.60
N ILE B 38 2.53 -7.77 -14.23
CA ILE B 38 1.24 -7.41 -13.64
C ILE B 38 0.89 -8.43 -12.56
N LEU B 39 0.60 -7.94 -11.36
CA LEU B 39 0.07 -8.81 -10.29
C LEU B 39 -1.45 -8.84 -10.40
N ARG B 40 -1.99 -9.97 -10.85
CA ARG B 40 -3.43 -10.12 -10.85
C ARG B 40 -3.93 -10.32 -9.41
N HIS B 41 -5.19 -10.09 -9.28
CA HIS B 41 -5.81 -10.23 -7.98
CA HIS B 41 -5.79 -10.23 -7.97
C HIS B 41 -5.53 -11.51 -7.07
N TRP B 42 -5.41 -12.61 -7.83
CA TRP B 42 -5.16 -13.87 -7.14
C TRP B 42 -3.81 -13.85 -6.44
N SER B 43 -2.78 -13.24 -7.05
CA SER B 43 -1.52 -13.16 -6.34
C SER B 43 -1.43 -11.94 -5.43
N PHE B 44 -2.04 -10.80 -5.84
CA PHE B 44 -2.01 -9.64 -4.96
C PHE B 44 -2.64 -9.95 -3.60
N ALA B 45 -3.65 -10.83 -3.56
CA ALA B 45 -4.28 -11.17 -2.28
C ALA B 45 -3.29 -11.85 -1.33
N ILE B 46 -2.42 -12.70 -1.88
CA ILE B 46 -1.39 -13.32 -1.05
C ILE B 46 -0.44 -12.25 -0.52
N TRP B 47 -0.06 -11.30 -1.38
CA TRP B 47 0.78 -10.21 -0.88
C TRP B 47 0.06 -9.43 0.21
N LYS B 48 -1.23 -9.19 0.04
CA LYS B 48 -1.99 -8.45 1.05
C LYS B 48 -1.90 -9.16 2.40
N ALA B 49 -2.12 -10.48 2.41
CA ALA B 49 -2.10 -11.21 3.68
C ALA B 49 -0.72 -11.10 4.33
N ILE B 50 0.35 -11.26 3.53
CA ILE B 50 1.72 -11.15 4.05
C ILE B 50 1.99 -9.74 4.60
N ARG B 51 1.68 -8.74 3.79
CA ARG B 51 1.89 -7.34 4.15
C ARG B 51 1.13 -6.96 5.42
N ASN B 52 -0.15 -7.32 5.50
CA ASN B 52 -0.94 -6.92 6.67
C ASN B 52 -0.45 -7.62 7.93
N TRP B 53 -0.10 -8.91 7.83
CA TRP B 53 0.42 -9.61 8.99
C TRP B 53 1.72 -8.94 9.48
N PHE B 54 2.69 -8.77 8.59
CA PHE B 54 3.95 -8.14 9.00
C PHE B 54 3.75 -6.72 9.54
N ASP B 55 2.94 -5.91 8.86
CA ASP B 55 2.70 -4.55 9.34
C ASP B 55 2.11 -4.56 10.74
N ALA B 56 1.14 -5.44 11.01
CA ALA B 56 0.59 -5.50 12.35
C ALA B 56 1.67 -5.87 13.36
N GLU B 57 2.59 -6.76 13.00
CA GLU B 57 3.65 -7.12 13.96
C GLU B 57 4.55 -5.93 14.25
N ILE B 58 5.00 -5.22 13.21
CA ILE B 58 5.96 -4.16 13.48
C ILE B 58 5.26 -2.95 14.09
N THR B 59 3.97 -2.77 13.79
CA THR B 59 3.19 -1.73 14.43
C THR B 59 3.09 -2.00 15.93
N ARG B 60 2.77 -3.25 16.29
CA ARG B 60 2.76 -3.63 17.69
C ARG B 60 4.12 -3.39 18.34
N LEU B 61 5.22 -3.60 17.59
CA LEU B 61 6.52 -3.29 18.18
C LEU B 61 6.80 -1.81 18.33
N GLY B 62 6.02 -0.92 17.70
CA GLY B 62 6.30 0.51 17.77
C GLY B 62 6.88 1.14 16.52
N VAL B 63 7.03 0.42 15.41
CA VAL B 63 7.38 1.06 14.14
C VAL B 63 6.17 1.82 13.61
N LYS B 64 6.40 2.98 13.01
CA LYS B 64 5.33 3.76 12.40
C LYS B 64 5.54 3.87 10.90
N GLU B 65 4.43 3.94 10.17
CA GLU B 65 4.46 3.94 8.70
C GLU B 65 4.51 5.35 8.14
N CYS B 66 5.27 5.51 7.05
CA CYS B 66 5.40 6.79 6.37
C CYS B 66 5.57 6.48 4.88
N TYR B 67 5.77 7.52 4.09
CA TYR B 67 5.98 7.37 2.65
C TYR B 67 6.85 8.52 2.16
N PHE B 68 8.00 8.16 1.58
CA PHE B 68 8.96 9.08 0.98
C PHE B 68 8.85 9.02 -0.53
N PRO B 69 9.37 10.02 -1.23
CA PRO B 69 9.13 10.09 -2.68
C PRO B 69 9.85 9.01 -3.49
N ILE B 70 9.26 8.72 -4.65
CA ILE B 70 9.83 7.78 -5.61
C ILE B 70 11.14 8.29 -6.23
N PHE B 71 11.32 9.60 -6.29
CA PHE B 71 12.47 10.20 -6.96
C PHE B 71 13.52 10.64 -5.96
N VAL B 72 14.78 10.41 -6.33
CA VAL B 72 15.96 10.78 -5.57
C VAL B 72 16.77 11.77 -6.40
N SER B 73 17.23 12.86 -5.78
CA SER B 73 18.12 13.78 -6.47
C SER B 73 19.46 13.11 -6.76
N ARG B 74 20.13 13.57 -7.82
CA ARG B 74 21.49 13.11 -8.09
C ARG B 74 22.43 13.49 -6.95
N ALA B 75 22.24 14.68 -6.37
CA ALA B 75 23.10 15.10 -5.27
C ALA B 75 22.94 14.18 -4.07
N ALA B 76 21.71 13.76 -3.79
CA ALA B 76 21.51 12.90 -2.62
C ALA B 76 22.02 11.49 -2.88
N LEU B 77 21.83 10.99 -4.10
CA LEU B 77 22.33 9.67 -4.44
C LEU B 77 23.84 9.58 -4.30
N GLU B 78 24.56 10.58 -4.80
CA GLU B 78 26.01 10.58 -4.81
C GLU B 78 26.62 11.13 -3.52
N ARG B 79 25.82 11.35 -2.47
CA ARG B 79 26.30 12.07 -1.30
CA ARG B 79 26.33 12.08 -1.32
C ARG B 79 27.39 11.29 -0.57
N GLU B 80 28.45 11.99 -0.19
CA GLU B 80 29.57 11.51 0.63
C GLU B 80 30.32 10.35 0.00
N LYS B 81 30.01 9.98 -1.24
CA LYS B 81 30.77 8.95 -1.93
C LYS B 81 32.00 9.57 -2.57
N THR B 82 33.18 8.97 -2.35
CA THR B 82 34.41 9.48 -2.94
C THR B 82 35.11 8.52 -3.89
N HIS B 83 34.81 7.23 -3.83
CA HIS B 83 35.44 6.26 -4.72
C HIS B 83 34.66 6.16 -6.03
N ILE B 84 35.38 5.84 -7.11
CA ILE B 84 34.81 5.91 -8.45
C ILE B 84 33.78 4.80 -8.70
N ALA B 85 33.96 3.64 -8.05
CA ALA B 85 32.99 2.57 -8.23
C ALA B 85 31.60 2.98 -7.74
N ASP B 86 31.54 3.89 -6.77
CA ASP B 86 30.30 4.34 -6.13
C ASP B 86 29.47 5.30 -6.98
N PHE B 87 29.96 5.71 -8.16
CA PHE B 87 29.39 6.86 -8.84
C PHE B 87 28.56 6.53 -10.07
N ALA B 88 28.41 5.25 -10.43
CA ALA B 88 27.60 4.86 -11.58
C ALA B 88 26.52 3.85 -11.20
N PRO B 89 25.65 4.17 -10.24
CA PRO B 89 24.63 3.21 -9.81
C PRO B 89 23.70 2.86 -10.96
N GLU B 90 23.24 1.61 -10.97
CA GLU B 90 22.32 1.11 -11.99
C GLU B 90 20.87 1.47 -11.65
N VAL B 91 20.62 2.76 -11.45
CA VAL B 91 19.28 3.30 -11.24
C VAL B 91 18.72 3.80 -12.54
N ALA B 92 17.38 3.81 -12.62
CA ALA B 92 16.67 4.40 -13.74
C ALA B 92 16.62 5.93 -13.60
N TRP B 93 16.99 6.64 -14.67
CA TRP B 93 17.12 8.10 -14.67
C TRP B 93 16.01 8.74 -15.49
N VAL B 94 15.20 9.59 -14.86
CA VAL B 94 14.26 10.41 -15.59
C VAL B 94 15.00 11.65 -16.13
N THR B 95 15.02 11.81 -17.44
CA THR B 95 15.76 12.92 -18.03
C THR B 95 14.90 13.95 -18.72
N LYS B 96 13.61 13.69 -18.93
CA LYS B 96 12.74 14.67 -19.59
C LYS B 96 11.32 14.50 -19.11
N SER B 97 10.54 15.56 -19.28
CA SER B 97 9.11 15.60 -18.97
C SER B 97 8.41 15.99 -20.25
N GLY B 98 7.67 15.05 -20.83
CA GLY B 98 7.14 15.27 -22.17
C GLY B 98 8.28 15.48 -23.15
N ASP B 99 8.33 16.67 -23.76
CA ASP B 99 9.38 17.00 -24.71
C ASP B 99 10.45 17.91 -24.12
N SER B 100 10.27 18.38 -22.89
CA SER B 100 11.23 19.28 -22.26
C SER B 100 12.29 18.42 -21.56
N GLU B 101 13.53 18.56 -21.98
CA GLU B 101 14.63 17.96 -21.22
C GLU B 101 14.72 18.65 -19.87
N LEU B 102 14.98 17.88 -18.82
CA LEU B 102 14.98 18.44 -17.48
C LEU B 102 16.32 19.07 -17.16
N ALA B 103 16.29 20.03 -16.24
CA ALA B 103 17.52 20.68 -15.79
C ALA B 103 18.49 19.66 -15.21
N GLU B 104 18.07 19.00 -14.12
CA GLU B 104 18.83 17.94 -13.49
C GLU B 104 18.07 16.64 -13.59
N PRO B 105 18.68 15.58 -14.10
CA PRO B 105 18.03 14.27 -14.06
C PRO B 105 17.84 13.81 -12.62
N ILE B 106 16.79 13.01 -12.40
CA ILE B 106 16.48 12.49 -11.07
C ILE B 106 16.28 10.98 -11.20
N ALA B 107 16.59 10.25 -10.13
CA ALA B 107 16.60 8.80 -10.19
C ALA B 107 15.36 8.20 -9.53
N VAL B 108 14.87 7.09 -10.09
CA VAL B 108 13.90 6.28 -9.36
C VAL B 108 14.64 5.55 -8.23
N ARG B 109 14.07 5.60 -7.02
CA ARG B 109 14.72 5.01 -5.85
C ARG B 109 14.95 3.50 -6.05
N PRO B 110 16.16 3.01 -5.83
CA PRO B 110 16.37 1.56 -5.73
C PRO B 110 16.17 1.06 -4.32
N THR B 111 16.15 1.99 -3.37
CA THR B 111 16.09 1.83 -1.92
C THR B 111 16.18 3.26 -1.38
N SER B 112 15.81 3.46 -0.10
CA SER B 112 15.54 4.83 0.37
C SER B 112 16.49 5.36 1.44
N GLU B 113 17.65 4.74 1.66
CA GLU B 113 18.65 5.28 2.60
C GLU B 113 18.98 6.73 2.30
N THR B 114 19.19 7.02 1.01
CA THR B 114 19.73 8.31 0.57
C THR B 114 18.74 9.46 0.78
N VAL B 115 17.45 9.18 0.83
CA VAL B 115 16.47 10.22 1.06
C VAL B 115 15.87 10.17 2.45
N MET B 116 15.97 9.04 3.15
CA MET B 116 15.47 9.07 4.52
C MET B 116 16.50 9.62 5.48
N TYR B 117 17.79 9.36 5.26
CA TYR B 117 18.77 9.71 6.29
C TYR B 117 19.03 11.22 6.42
N PRO B 118 18.93 12.03 5.36
CA PRO B 118 18.94 13.49 5.60
C PRO B 118 17.80 13.92 6.50
N ALA B 119 16.61 13.32 6.32
CA ALA B 119 15.47 13.66 7.16
C ALA B 119 15.70 13.21 8.59
N TYR B 120 16.27 12.01 8.77
CA TYR B 120 16.61 11.56 10.12
C TYR B 120 17.53 12.56 10.80
N ALA B 121 18.56 13.00 10.09
CA ALA B 121 19.47 14.01 10.63
C ALA B 121 18.72 15.25 11.10
N LYS B 122 17.80 15.78 10.27
CA LYS B 122 17.04 16.96 10.68
C LYS B 122 16.13 16.67 11.88
N TRP B 123 15.56 15.46 11.94
CA TRP B 123 14.56 15.13 12.95
C TRP B 123 15.17 14.80 14.30
N ILE B 124 16.45 14.45 14.35
CA ILE B 124 17.10 14.08 15.59
C ILE B 124 17.83 15.33 16.08
N GLN B 125 17.13 16.13 16.87
CA GLN B 125 17.69 17.35 17.43
C GLN B 125 18.29 17.15 18.81
N SER B 126 17.91 16.08 19.52
CA SER B 126 18.50 15.81 20.82
C SER B 126 18.30 14.32 21.10
N TYR B 127 18.86 13.87 22.22
CA TYR B 127 18.79 12.45 22.56
CA TYR B 127 18.80 12.47 22.63
C TYR B 127 17.36 11.98 22.80
N ARG B 128 16.45 12.89 23.16
CA ARG B 128 15.06 12.54 23.46
C ARG B 128 14.23 12.23 22.22
N ASP B 129 14.73 12.56 21.05
CA ASP B 129 14.08 12.21 19.80
C ASP B 129 14.32 10.75 19.41
N LEU B 130 15.10 10.05 20.16
CA LEU B 130 15.47 8.68 19.85
C LEU B 130 14.62 7.70 20.65
N PRO B 131 14.31 6.52 20.10
CA PRO B 131 14.65 6.03 18.75
C PRO B 131 13.75 6.59 17.65
N ILE B 132 14.20 6.55 16.40
CA ILE B 132 13.32 6.80 15.24
C ILE B 132 13.12 5.49 14.51
N ARG B 133 11.87 5.06 14.38
CA ARG B 133 11.57 3.74 13.83
C ARG B 133 10.48 3.87 12.79
N LEU B 134 10.89 3.91 11.51
CA LEU B 134 9.92 4.15 10.44
C LEU B 134 10.00 3.03 9.42
N ASN B 135 8.88 2.85 8.73
CA ASN B 135 8.78 1.83 7.70
C ASN B 135 7.98 2.39 6.54
N GLN B 136 8.32 1.94 5.33
CA GLN B 136 7.56 2.25 4.13
C GLN B 136 7.13 0.96 3.46
N TRP B 137 5.90 0.95 2.95
CA TRP B 137 5.47 -0.06 1.97
C TRP B 137 5.49 0.66 0.62
N ASN B 138 6.44 0.30 -0.24
CA ASN B 138 6.59 1.07 -1.47
C ASN B 138 7.11 0.16 -2.58
N ASN B 139 7.34 0.78 -3.75
CA ASN B 139 7.87 0.10 -4.92
C ASN B 139 9.24 0.70 -5.23
N VAL B 140 10.23 -0.18 -5.49
CA VAL B 140 11.55 0.28 -5.90
C VAL B 140 11.90 -0.32 -7.25
N VAL B 141 12.91 0.26 -7.87
CA VAL B 141 13.30 -0.10 -9.23
C VAL B 141 14.81 -0.33 -9.28
N ARG B 142 15.21 -1.49 -9.82
CA ARG B 142 16.60 -1.82 -10.09
C ARG B 142 16.65 -2.38 -11.52
N TRP B 143 17.10 -1.55 -12.45
CA TRP B 143 17.04 -1.86 -13.87
C TRP B 143 18.31 -2.59 -14.29
N GLU B 144 18.42 -3.84 -13.83
CA GLU B 144 19.58 -4.66 -14.24
C GLU B 144 19.30 -5.34 -15.57
N PHE B 145 20.37 -5.65 -16.29
CA PHE B 145 20.27 -6.26 -17.62
C PHE B 145 20.60 -7.75 -17.57
N LYS B 146 20.08 -8.44 -16.57
CA LYS B 146 20.18 -9.87 -16.42
C LYS B 146 18.78 -10.47 -16.57
N HIS B 147 18.69 -11.78 -16.39
CA HIS B 147 17.46 -12.51 -16.65
C HIS B 147 16.45 -12.32 -15.52
N PRO B 148 15.36 -11.63 -15.76
CA PRO B 148 14.38 -11.49 -14.72
C PRO B 148 13.43 -12.62 -14.67
N GLN B 149 12.84 -12.87 -13.55
CA GLN B 149 11.84 -13.87 -13.41
C GLN B 149 10.74 -13.34 -12.50
N PRO B 150 9.49 -13.58 -12.84
CA PRO B 150 8.36 -13.08 -12.10
C PRO B 150 8.38 -13.54 -10.69
N PHE B 151 8.09 -12.60 -9.81
CA PHE B 151 8.11 -12.70 -8.36
C PHE B 151 9.51 -12.72 -7.74
N LEU B 152 10.37 -13.59 -8.20
CA LEU B 152 11.68 -13.78 -7.71
C LEU B 152 12.69 -12.72 -8.00
N ARG B 153 12.68 -12.18 -9.20
CA ARG B 153 13.74 -11.23 -9.50
C ARG B 153 13.24 -10.29 -10.60
N THR B 154 12.80 -9.10 -10.21
CA THR B 154 12.13 -8.23 -11.15
C THR B 154 12.77 -6.86 -11.11
N ARG B 155 12.49 -6.06 -12.15
CA ARG B 155 13.08 -4.73 -12.23
C ARG B 155 12.34 -3.71 -11.37
N GLU B 156 11.01 -3.79 -11.32
CA GLU B 156 10.20 -3.09 -10.33
C GLU B 156 9.66 -4.12 -9.36
N PHE B 157 9.76 -3.83 -8.05
CA PHE B 157 9.10 -4.73 -7.11
C PHE B 157 8.55 -3.98 -5.91
N LEU B 158 7.52 -4.56 -5.32
CA LEU B 158 6.92 -4.04 -4.09
C LEU B 158 7.66 -4.63 -2.91
N TRP B 159 7.81 -3.87 -1.85
CA TRP B 159 8.46 -4.30 -0.62
C TRP B 159 8.15 -3.42 0.57
N GLN B 160 8.72 -3.74 1.69
CA GLN B 160 8.73 -2.86 2.81
C GLN B 160 10.18 -2.68 3.16
N GLU B 161 10.55 -1.47 3.50
CA GLU B 161 11.87 -1.20 3.96
C GLU B 161 11.72 -0.41 5.25
N GLY B 162 12.20 -0.97 6.34
CA GLY B 162 12.22 -0.33 7.65
C GLY B 162 13.60 0.25 7.92
N HIS B 163 13.61 1.45 8.49
CA HIS B 163 14.84 2.20 8.78
C HIS B 163 14.74 2.72 10.21
N THR B 164 15.65 2.23 11.06
CA THR B 164 15.59 2.55 12.48
C THR B 164 16.93 3.09 12.96
N ALA B 165 16.84 4.00 13.93
CA ALA B 165 17.96 4.68 14.56
C ALA B 165 17.75 4.68 16.06
N PHE B 166 18.81 4.33 16.80
CA PHE B 166 18.80 4.16 18.25
C PHE B 166 20.01 4.87 18.85
N ALA B 167 19.92 5.15 20.15
CA ALA B 167 21.07 5.71 20.86
C ALA B 167 22.14 4.67 21.15
N THR B 168 21.77 3.40 21.40
CA THR B 168 22.76 2.41 21.79
C THR B 168 22.82 1.30 20.74
N GLN B 169 23.98 0.65 20.69
CA GLN B 169 24.16 -0.50 19.79
C GLN B 169 23.33 -1.71 20.26
N LYS B 170 23.23 -1.91 21.57
CA LYS B 170 22.46 -3.04 22.11
C LYS B 170 21.03 -3.02 21.60
N GLU B 171 20.35 -1.86 21.69
CA GLU B 171 19.00 -1.74 21.12
C GLU B 171 18.96 -2.19 19.66
N ALA B 172 19.92 -1.71 18.85
CA ALA B 172 19.86 -2.01 17.43
C ALA B 172 20.07 -3.51 17.16
N ASP B 173 21.02 -4.14 17.86
CA ASP B 173 21.28 -5.56 17.65
C ASP B 173 20.04 -6.39 17.98
N GLU B 174 19.41 -6.04 19.11
CA GLU B 174 18.17 -6.70 19.49
C GLU B 174 17.13 -6.58 18.38
N GLU B 175 16.97 -5.38 17.81
CA GLU B 175 15.94 -5.22 16.79
C GLU B 175 16.27 -6.04 15.53
N VAL B 176 17.55 -6.07 15.14
CA VAL B 176 17.94 -6.89 13.98
C VAL B 176 17.38 -8.30 14.13
N LEU B 177 17.54 -8.88 15.32
CA LEU B 177 17.09 -10.26 15.52
C LEU B 177 15.56 -10.37 15.64
N THR B 178 14.91 -9.40 16.30
CA THR B 178 13.44 -9.43 16.37
C THR B 178 12.82 -9.36 14.96
N ILE B 179 13.37 -8.52 14.10
CA ILE B 179 12.82 -8.40 12.75
C ILE B 179 13.09 -9.68 11.95
N LEU B 180 14.32 -10.21 12.03
CA LEU B 180 14.62 -11.46 11.33
C LEU B 180 13.66 -12.58 11.77
N ASP B 181 13.35 -12.66 13.07
CA ASP B 181 12.41 -13.68 13.51
C ASP B 181 11.02 -13.47 12.89
N LEU B 182 10.56 -12.22 12.80
CA LEU B 182 9.31 -11.95 12.08
C LEU B 182 9.38 -12.47 10.62
N TYR B 183 10.48 -12.19 9.92
CA TYR B 183 10.59 -12.66 8.54
C TYR B 183 10.57 -14.18 8.46
N ALA B 184 11.24 -14.83 9.41
CA ALA B 184 11.20 -16.28 9.46
C ALA B 184 9.77 -16.74 9.61
N LYS B 185 9.02 -16.11 10.51
CA LYS B 185 7.63 -16.49 10.74
CA LYS B 185 7.63 -16.50 10.73
C LYS B 185 6.79 -16.24 9.48
N VAL B 186 7.08 -15.17 8.73
CA VAL B 186 6.37 -14.99 7.45
C VAL B 186 6.52 -16.26 6.61
N TYR B 187 7.76 -16.75 6.49
CA TYR B 187 7.99 -17.92 5.65
C TYR B 187 7.37 -19.19 6.24
N THR B 188 7.60 -19.44 7.54
CA THR B 188 7.21 -20.73 8.11
C THR B 188 5.72 -20.74 8.49
N ASP B 189 5.21 -19.72 9.20
CA ASP B 189 3.87 -19.76 9.75
C ASP B 189 2.80 -19.34 8.74
N LEU B 190 3.10 -18.42 7.83
CA LEU B 190 2.14 -18.06 6.80
C LEU B 190 2.30 -18.89 5.53
N LEU B 191 3.54 -19.14 5.09
CA LEU B 191 3.78 -19.72 3.78
C LEU B 191 4.24 -21.18 3.83
N ALA B 192 4.38 -21.75 5.02
CA ALA B 192 4.78 -23.13 5.23
C ALA B 192 6.12 -23.44 4.55
N ILE B 193 7.05 -22.49 4.60
CA ILE B 193 8.37 -22.65 4.00
C ILE B 193 9.41 -22.65 5.11
N PRO B 194 10.24 -23.68 5.23
CA PRO B 194 11.36 -23.63 6.18
C PRO B 194 12.46 -22.73 5.66
N VAL B 195 13.14 -22.03 6.59
CA VAL B 195 14.24 -21.15 6.25
C VAL B 195 15.42 -21.43 7.19
N VAL B 196 16.60 -20.97 6.80
CA VAL B 196 17.80 -21.01 7.64
C VAL B 196 18.20 -19.58 8.01
N LYS B 197 18.18 -19.28 9.31
CA LYS B 197 18.65 -17.99 9.81
C LYS B 197 20.17 -17.97 9.91
N GLY B 198 20.77 -16.86 9.50
CA GLY B 198 22.22 -16.74 9.65
C GLY B 198 22.72 -15.36 9.31
N ARG B 199 24.02 -15.19 9.48
CA ARG B 199 24.74 -13.99 9.10
C ARG B 199 25.39 -14.19 7.75
N LYS B 200 25.39 -13.14 6.92
CA LYS B 200 26.19 -13.17 5.70
C LYS B 200 27.69 -13.12 6.05
N THR B 201 28.49 -13.77 5.20
CA THR B 201 29.94 -13.60 5.26
C THR B 201 30.32 -12.16 4.91
N GLU B 202 31.59 -11.82 5.17
CA GLU B 202 32.08 -10.49 4.82
C GLU B 202 31.95 -10.23 3.32
N LYS B 203 32.11 -11.27 2.49
CA LYS B 203 31.95 -11.07 1.06
C LYS B 203 30.51 -10.74 0.67
N GLU B 204 29.52 -11.27 1.39
CA GLU B 204 28.14 -11.19 0.92
C GLU B 204 27.26 -10.24 1.72
N LYS B 205 27.76 -9.66 2.80
CA LYS B 205 27.00 -8.69 3.56
C LYS B 205 26.80 -7.39 2.76
N PHE B 206 25.82 -6.61 3.21
CA PHE B 206 25.60 -5.28 2.67
C PHE B 206 26.83 -4.41 2.95
N ALA B 207 27.43 -3.87 1.89
CA ALA B 207 28.69 -3.15 2.08
C ALA B 207 28.53 -1.89 2.92
N GLY B 208 27.34 -1.27 2.93
CA GLY B 208 27.18 -0.12 3.78
C GLY B 208 26.87 -0.39 5.25
N GLY B 209 26.82 -1.66 5.69
CA GLY B 209 26.49 -2.00 7.06
C GLY B 209 27.65 -2.68 7.77
N ASP B 210 27.46 -2.90 9.09
CA ASP B 210 28.41 -3.70 9.86
C ASP B 210 28.19 -5.19 9.62
N TYR B 211 26.97 -5.69 9.80
CA TYR B 211 26.68 -7.10 9.51
C TYR B 211 25.26 -7.23 8.96
N THR B 212 25.04 -8.33 8.24
CA THR B 212 23.77 -8.61 7.58
C THR B 212 23.27 -9.98 8.02
N THR B 213 22.07 -10.02 8.58
CA THR B 213 21.38 -11.28 8.85
C THR B 213 20.33 -11.59 7.77
N THR B 214 20.02 -12.87 7.63
CA THR B 214 19.28 -13.34 6.48
C THR B 214 18.51 -14.60 6.85
N VAL B 215 17.44 -14.86 6.10
CA VAL B 215 16.77 -16.15 6.06
C VAL B 215 16.90 -16.67 4.64
N GLU B 216 17.41 -17.89 4.51
CA GLU B 216 17.62 -18.53 3.21
C GLU B 216 16.61 -19.65 3.05
N ALA B 217 16.04 -19.79 1.85
CA ALA B 217 15.19 -20.93 1.53
C ALA B 217 15.82 -21.76 0.41
N TYR B 218 15.32 -22.98 0.26
CA TYR B 218 15.86 -24.00 -0.62
C TYR B 218 14.82 -24.42 -1.65
N ILE B 219 15.21 -24.35 -2.92
CA ILE B 219 14.37 -24.74 -4.05
C ILE B 219 14.92 -26.07 -4.53
N SER B 220 14.25 -27.15 -4.14
CA SER B 220 14.75 -28.49 -4.42
C SER B 220 14.68 -28.83 -5.89
N ALA B 221 13.76 -28.22 -6.64
CA ALA B 221 13.63 -28.59 -8.03
C ALA B 221 14.88 -28.23 -8.82
N SER B 222 15.50 -27.11 -8.47
CA SER B 222 16.77 -26.70 -9.06
C SER B 222 17.94 -27.01 -8.15
N GLY B 223 17.70 -27.29 -6.88
CA GLY B 223 18.79 -27.43 -5.93
C GLY B 223 19.42 -26.12 -5.53
N ARG B 224 18.76 -25.00 -5.81
CA ARG B 224 19.35 -23.69 -5.55
C ARG B 224 18.78 -23.09 -4.27
N ALA B 225 19.56 -22.23 -3.64
CA ALA B 225 19.09 -21.46 -2.51
C ALA B 225 18.73 -20.05 -2.95
N ILE B 226 17.85 -19.41 -2.17
CA ILE B 226 17.45 -18.04 -2.43
C ILE B 226 17.27 -17.29 -1.12
N GLN B 227 17.80 -16.08 -1.06
CA GLN B 227 17.63 -15.24 0.11
C GLN B 227 16.18 -14.73 0.16
N GLY B 228 15.48 -15.02 1.26
CA GLY B 228 14.07 -14.69 1.41
C GLY B 228 13.77 -13.32 2.00
N ALA B 229 14.66 -12.79 2.83
CA ALA B 229 14.49 -11.48 3.45
C ALA B 229 15.82 -11.09 4.10
N THR B 230 15.91 -9.85 4.55
CA THR B 230 17.17 -9.38 5.09
C THR B 230 16.97 -8.37 6.19
N SER B 231 17.96 -8.34 7.10
CA SER B 231 17.92 -7.49 8.28
C SER B 231 19.35 -7.11 8.63
N HIS B 232 19.69 -5.83 8.40
CA HIS B 232 21.04 -5.31 8.52
C HIS B 232 21.20 -4.52 9.81
N HIS B 233 22.37 -4.62 10.42
CA HIS B 233 22.85 -3.63 11.38
C HIS B 233 23.84 -2.75 10.63
N LEU B 234 23.49 -1.48 10.46
CA LEU B 234 24.34 -0.52 9.80
C LEU B 234 25.34 0.09 10.74
N GLY B 235 25.17 -0.16 12.03
CA GLY B 235 26.13 0.41 12.96
C GLY B 235 26.07 1.92 12.88
N GLN B 236 27.25 2.54 12.76
CA GLN B 236 27.37 4.00 12.65
C GLN B 236 27.83 4.45 11.26
N ASN B 237 27.78 3.57 10.27
CA ASN B 237 28.31 3.92 8.94
C ASN B 237 27.49 5.03 8.31
N PHE B 238 26.17 4.87 8.31
CA PHE B 238 25.35 5.91 7.69
C PHE B 238 25.20 7.13 8.59
N SER B 239 25.17 6.96 9.91
CA SER B 239 25.07 8.15 10.76
C SER B 239 26.26 9.07 10.56
N ARG B 240 27.46 8.50 10.35
CA ARG B 240 28.63 9.33 10.06
C ARG B 240 28.60 9.88 8.64
N MET B 241 28.07 9.10 7.68
CA MET B 241 27.89 9.62 6.32
C MET B 241 26.97 10.84 6.30
N PHE B 242 25.84 10.74 7.00
CA PHE B 242 24.77 11.73 6.90
C PHE B 242 24.65 12.61 8.14
N ASP B 243 25.62 12.54 9.07
CA ASP B 243 25.65 13.44 10.22
C ASP B 243 24.38 13.35 11.04
N ILE B 244 23.94 12.12 11.33
CA ILE B 244 22.79 11.91 12.21
C ILE B 244 23.36 11.82 13.61
N VAL B 245 23.39 12.96 14.29
CA VAL B 245 24.08 13.05 15.57
C VAL B 245 23.20 13.72 16.60
N TYR B 246 23.56 13.50 17.85
CA TYR B 246 22.95 14.17 18.98
C TYR B 246 24.03 14.36 20.03
N GLU B 247 23.79 15.26 20.95
CA GLU B 247 24.74 15.52 22.01
C GLU B 247 24.45 14.57 23.17
N HIS B 248 25.49 13.88 23.64
CA HIS B 248 25.34 12.95 24.74
C HIS B 248 24.84 13.67 25.99
N PRO B 249 23.85 13.14 26.69
CA PRO B 249 23.34 13.85 27.88
C PRO B 249 24.35 13.93 29.01
N GLU B 250 25.18 12.89 29.18
CA GLU B 250 26.14 12.81 30.28
C GLU B 250 27.53 13.34 29.93
N THR B 251 28.12 12.87 28.83
CA THR B 251 29.45 13.27 28.41
C THR B 251 29.46 14.53 27.56
N LYS B 252 28.29 15.00 27.11
CA LYS B 252 28.08 16.23 26.37
C LYS B 252 28.70 16.22 24.96
N GLU B 253 29.37 15.13 24.55
CA GLU B 253 30.01 15.08 23.25
C GLU B 253 29.01 14.73 22.16
N LYS B 254 29.42 14.94 20.92
CA LYS B 254 28.57 14.62 19.79
C LYS B 254 28.68 13.13 19.49
N GLU B 255 27.54 12.46 19.43
CA GLU B 255 27.47 11.02 19.27
C GLU B 255 26.65 10.70 18.04
N TYR B 256 27.04 9.63 17.36
CA TYR B 256 26.37 9.16 16.15
C TYR B 256 25.44 8.02 16.49
N VAL B 257 24.21 8.08 15.97
CA VAL B 257 23.24 7.05 16.28
C VAL B 257 23.63 5.73 15.63
N PHE B 258 23.02 4.66 16.10
CA PHE B 258 23.22 3.33 15.54
C PHE B 258 21.97 2.97 14.76
N GLN B 259 22.17 2.46 13.54
CA GLN B 259 21.06 2.21 12.63
C GLN B 259 20.99 0.76 12.17
N ASN B 260 19.74 0.36 11.90
CA ASN B 260 19.36 -0.83 11.13
C ASN B 260 18.50 -0.45 9.94
N SER B 261 18.46 -1.36 8.96
CA SER B 261 17.42 -1.36 7.93
C SER B 261 17.06 -2.81 7.60
N TRP B 262 15.85 -3.01 7.13
CA TRP B 262 15.40 -4.37 6.92
C TRP B 262 14.27 -4.40 5.90
N GLY B 263 14.21 -5.48 5.14
CA GLY B 263 13.32 -5.48 3.99
C GLY B 263 12.86 -6.87 3.60
N ILE B 264 11.66 -6.91 3.04
CA ILE B 264 11.14 -8.16 2.47
C ILE B 264 10.23 -7.79 1.31
N THR B 265 10.14 -8.68 0.31
CA THR B 265 9.55 -8.36 -0.99
C THR B 265 8.52 -9.39 -1.40
N THR B 266 7.94 -9.18 -2.59
CA THR B 266 7.06 -10.14 -3.22
C THR B 266 7.79 -11.40 -3.69
N ARG B 267 9.10 -11.45 -3.54
CA ARG B 267 9.84 -12.70 -3.76
C ARG B 267 9.25 -13.83 -2.96
N THR B 268 8.72 -13.52 -1.76
CA THR B 268 7.96 -14.47 -0.93
C THR B 268 7.04 -15.35 -1.78
N ILE B 269 6.27 -14.71 -2.65
CA ILE B 269 5.30 -15.45 -3.44
C ILE B 269 6.01 -16.42 -4.38
N GLY B 270 7.06 -15.92 -5.06
CA GLY B 270 7.88 -16.80 -5.89
C GLY B 270 8.36 -18.03 -5.14
N VAL B 271 8.86 -17.82 -3.92
CA VAL B 271 9.40 -18.95 -3.16
C VAL B 271 8.28 -19.92 -2.86
N MET B 272 7.10 -19.37 -2.48
CA MET B 272 5.94 -20.21 -2.25
C MET B 272 5.69 -21.10 -3.45
N ILE B 273 5.70 -20.50 -4.65
CA ILE B 273 5.44 -21.29 -5.84
C ILE B 273 6.52 -22.35 -6.00
N MET B 274 7.79 -21.90 -5.99
CA MET B 274 8.86 -22.83 -6.28
C MET B 274 8.89 -23.97 -5.28
N VAL B 275 8.44 -23.73 -4.04
CA VAL B 275 8.58 -24.81 -3.07
C VAL B 275 7.36 -25.73 -3.11
N HIS B 276 6.15 -25.16 -3.28
CA HIS B 276 4.93 -25.92 -2.99
C HIS B 276 4.16 -26.34 -4.23
N ALA B 277 4.21 -25.55 -5.30
CA ALA B 277 3.41 -25.91 -6.46
C ALA B 277 3.94 -27.19 -7.09
N ASP B 278 3.05 -27.91 -7.76
CA ASP B 278 3.36 -29.21 -8.33
C ASP B 278 2.96 -29.24 -9.80
N ASN B 279 2.86 -30.44 -10.38
CA ASN B 279 2.60 -30.55 -11.81
C ASN B 279 1.14 -30.30 -12.18
N GLN B 280 0.23 -30.13 -11.22
CA GLN B 280 -1.12 -29.71 -11.52
C GLN B 280 -1.34 -28.22 -11.27
N GLY B 281 -0.32 -27.50 -10.78
CA GLY B 281 -0.46 -26.08 -10.54
C GLY B 281 -0.12 -25.61 -9.13
N LEU B 282 -0.66 -24.46 -8.76
CA LEU B 282 -0.43 -23.87 -7.45
C LEU B 282 -0.87 -24.81 -6.34
N VAL B 283 -0.24 -24.67 -5.18
CA VAL B 283 -0.66 -25.32 -3.94
C VAL B 283 -0.57 -24.24 -2.87
N LEU B 284 -1.72 -23.68 -2.51
CA LEU B 284 -1.61 -22.48 -1.69
C LEU B 284 -1.54 -22.86 -0.23
N PRO B 285 -0.59 -22.34 0.54
CA PRO B 285 -0.64 -22.51 1.98
C PRO B 285 -1.96 -21.96 2.50
N PRO B 286 -2.65 -22.69 3.38
CA PRO B 286 -4.02 -22.29 3.76
C PRO B 286 -4.13 -20.90 4.36
N ARG B 287 -3.10 -20.45 5.08
CA ARG B 287 -3.21 -19.17 5.78
C ARG B 287 -3.14 -17.96 4.86
N VAL B 288 -2.69 -18.11 3.62
CA VAL B 288 -2.66 -16.98 2.69
C VAL B 288 -3.57 -17.19 1.50
N ALA B 289 -4.26 -18.32 1.41
CA ALA B 289 -5.08 -18.58 0.23
C ALA B 289 -6.31 -17.69 0.26
N CYS B 290 -6.52 -16.97 -0.85
CA CYS B 290 -7.68 -16.08 -0.96
C CYS B 290 -8.97 -16.86 -0.70
N ILE B 291 -9.11 -18.02 -1.34
CA ILE B 291 -10.17 -18.98 -1.08
C ILE B 291 -9.50 -20.24 -0.50
N GLN B 292 -9.95 -20.67 0.68
CA GLN B 292 -9.45 -21.89 1.27
C GLN B 292 -10.24 -23.12 0.87
N VAL B 293 -11.54 -22.98 0.63
CA VAL B 293 -12.42 -24.10 0.33
C VAL B 293 -13.35 -23.69 -0.80
N VAL B 294 -13.39 -24.50 -1.85
CA VAL B 294 -14.34 -24.32 -2.94
C VAL B 294 -15.25 -25.54 -2.97
N ILE B 295 -16.56 -25.32 -3.05
CA ILE B 295 -17.53 -26.40 -3.13
C ILE B 295 -17.95 -26.59 -4.58
N VAL B 296 -17.87 -27.82 -5.06
CA VAL B 296 -18.21 -28.18 -6.43
C VAL B 296 -19.36 -29.19 -6.40
N PRO B 297 -20.56 -28.80 -6.84
CA PRO B 297 -21.64 -29.78 -6.94
C PRO B 297 -21.37 -30.72 -8.11
N CYS B 298 -21.60 -32.01 -7.88
CA CYS B 298 -21.37 -33.01 -8.91
C CYS B 298 -22.49 -34.04 -8.87
N GLY B 299 -22.49 -34.92 -9.87
CA GLY B 299 -23.56 -35.86 -10.05
C GLY B 299 -24.71 -35.35 -10.91
N ILE B 300 -24.69 -34.09 -11.33
CA ILE B 300 -25.74 -33.57 -12.20
C ILE B 300 -25.64 -34.25 -13.55
N THR B 301 -26.78 -34.75 -14.04
CA THR B 301 -26.86 -35.40 -15.34
C THR B 301 -27.76 -34.67 -16.29
N ALA B 302 -27.82 -35.19 -17.49
CA ALA B 302 -28.64 -34.65 -18.56
C ALA B 302 -30.10 -34.73 -18.24
N THR B 303 -30.43 -35.73 -17.45
CA THR B 303 -31.77 -35.97 -17.05
C THR B 303 -31.79 -36.01 -15.56
N THR B 304 -30.94 -35.21 -14.92
CA THR B 304 -30.88 -35.21 -13.48
C THR B 304 -32.20 -34.73 -12.92
N THR B 305 -32.63 -33.63 -13.55
CA THR B 305 -33.82 -32.80 -13.43
C THR B 305 -33.33 -31.39 -13.63
N ASP B 306 -34.17 -30.47 -13.24
CA ASP B 306 -33.86 -29.08 -13.19
C ASP B 306 -34.25 -28.71 -11.77
N ASP B 307 -35.42 -29.16 -11.36
CA ASP B 307 -35.91 -28.93 -10.04
C ASP B 307 -35.09 -29.73 -9.02
N GLU B 308 -34.33 -30.75 -9.44
CA GLU B 308 -33.39 -31.32 -8.49
C GLU B 308 -31.94 -30.74 -8.60
N ARG B 309 -31.54 -30.38 -9.79
CA ARG B 309 -30.30 -29.66 -10.02
C ARG B 309 -30.23 -28.37 -9.21
N ARG B 310 -31.38 -27.79 -8.87
CA ARG B 310 -31.44 -26.65 -7.96
C ARG B 310 -31.43 -27.07 -6.49
N ARG B 311 -31.97 -28.26 -6.15
CA ARG B 311 -31.92 -28.74 -4.77
C ARG B 311 -30.48 -28.98 -4.34
N LEU B 312 -29.71 -29.65 -5.20
CA LEU B 312 -28.30 -29.91 -4.92
C LEU B 312 -27.57 -28.60 -4.67
N TYR B 313 -27.73 -27.64 -5.59
CA TYR B 313 -27.17 -26.31 -5.42
C TYR B 313 -27.59 -25.68 -4.10
N GLU B 314 -28.85 -25.82 -3.70
CA GLU B 314 -29.29 -25.20 -2.45
C GLU B 314 -28.52 -25.75 -1.27
N SER B 315 -28.33 -27.08 -1.24
CA SER B 315 -27.55 -27.69 -0.16
C SER B 315 -26.10 -27.24 -0.20
N CYS B 316 -25.51 -27.19 -1.40
CA CYS B 316 -24.14 -26.69 -1.52
C CYS B 316 -24.04 -25.28 -0.98
N ARG B 317 -25.03 -24.44 -1.27
CA ARG B 317 -25.01 -23.06 -0.84
C ARG B 317 -25.11 -22.95 0.67
N GLU B 318 -25.95 -23.79 1.28
CA GLU B 318 -26.08 -23.83 2.73
C GLU B 318 -24.74 -24.19 3.38
N LEU B 319 -24.04 -25.19 2.84
CA LEU B 319 -22.73 -25.54 3.40
C LEU B 319 -21.72 -24.41 3.21
N GLU B 320 -21.75 -23.76 2.06
CA GLU B 320 -20.88 -22.63 1.80
C GLU B 320 -21.10 -21.57 2.83
N GLN B 321 -22.35 -21.19 3.05
CA GLN B 321 -22.65 -20.14 4.02
C GLN B 321 -22.20 -20.54 5.43
N THR B 322 -22.44 -21.78 5.82
CA THR B 322 -21.93 -22.23 7.11
C THR B 322 -20.43 -22.00 7.23
N PHE B 323 -19.68 -22.39 6.20
CA PHE B 323 -18.23 -22.23 6.26
C PHE B 323 -17.87 -20.76 6.40
N VAL B 324 -18.47 -19.90 5.57
CA VAL B 324 -18.11 -18.49 5.60
C VAL B 324 -18.38 -17.92 6.98
N LYS B 325 -19.53 -18.28 7.58
CA LYS B 325 -19.88 -17.81 8.91
C LYS B 325 -18.90 -18.34 9.97
N ALA B 326 -18.30 -19.50 9.74
CA ALA B 326 -17.31 -20.00 10.70
C ALA B 326 -15.92 -19.37 10.55
N GLY B 327 -15.74 -18.41 9.64
CA GLY B 327 -14.43 -17.80 9.44
C GLY B 327 -13.56 -18.45 8.38
N ILE B 328 -14.11 -19.37 7.58
CA ILE B 328 -13.37 -20.08 6.54
C ILE B 328 -13.66 -19.41 5.21
N ARG B 329 -12.63 -18.91 4.55
CA ARG B 329 -12.83 -18.29 3.25
C ARG B 329 -13.24 -19.37 2.25
N CYS B 330 -14.53 -19.40 1.88
CA CYS B 330 -15.11 -20.45 1.07
C CYS B 330 -15.99 -19.84 -0.01
N GLU B 331 -16.02 -20.47 -1.17
CA GLU B 331 -16.92 -20.09 -2.26
C GLU B 331 -17.48 -21.36 -2.88
N GLY B 332 -18.65 -21.22 -3.50
CA GLY B 332 -19.24 -22.29 -4.30
C GLY B 332 -19.06 -21.96 -5.76
N ASP B 333 -18.98 -23.00 -6.60
CA ASP B 333 -18.87 -22.85 -8.04
C ASP B 333 -20.11 -23.49 -8.66
N TYR B 334 -21.13 -22.66 -8.87
CA TYR B 334 -22.43 -23.12 -9.38
C TYR B 334 -22.57 -22.93 -10.89
N ARG B 335 -21.47 -22.64 -11.59
CA ARG B 335 -21.57 -22.36 -13.01
C ARG B 335 -22.07 -23.58 -13.78
N ASP B 336 -23.10 -23.37 -14.59
CA ASP B 336 -23.75 -24.45 -15.31
C ASP B 336 -22.98 -24.85 -16.55
N ASN B 337 -22.22 -23.93 -17.14
CA ASN B 337 -21.62 -24.19 -18.45
C ASN B 337 -20.31 -24.96 -18.35
N TYR B 338 -19.87 -25.37 -17.16
CA TYR B 338 -18.60 -26.09 -16.98
C TYR B 338 -18.86 -27.38 -16.21
N SER B 339 -18.24 -28.47 -16.69
CA SER B 339 -18.37 -29.76 -16.03
C SER B 339 -17.65 -29.75 -14.67
N PRO B 340 -18.03 -30.67 -13.77
CA PRO B 340 -17.29 -30.78 -12.51
C PRO B 340 -15.83 -31.11 -12.70
N GLY B 341 -15.48 -31.94 -13.68
CA GLY B 341 -14.08 -32.19 -13.96
C GLY B 341 -13.34 -30.93 -14.38
N TRP B 342 -13.97 -30.12 -15.22
CA TRP B 342 -13.41 -28.82 -15.57
C TRP B 342 -13.15 -27.98 -14.33
N LYS B 343 -14.14 -27.90 -13.44
CA LYS B 343 -13.97 -27.10 -12.23
C LYS B 343 -12.87 -27.66 -11.34
N TYR B 344 -12.80 -28.99 -11.23
CA TYR B 344 -11.69 -29.64 -10.53
C TYR B 344 -10.37 -29.10 -11.04
N ASN B 345 -10.15 -29.19 -12.34
CA ASN B 345 -8.88 -28.73 -12.89
C ASN B 345 -8.69 -27.24 -12.66
N HIS B 346 -9.73 -26.45 -12.90
CA HIS B 346 -9.58 -25.01 -12.78
C HIS B 346 -9.12 -24.64 -11.37
N TRP B 347 -9.73 -25.22 -10.35
CA TRP B 347 -9.39 -24.82 -8.99
C TRP B 347 -8.15 -25.52 -8.47
N GLU B 348 -7.76 -26.64 -9.07
CA GLU B 348 -6.44 -27.15 -8.75
C GLU B 348 -5.36 -26.22 -9.30
N LEU B 349 -5.57 -25.69 -10.51
CA LEU B 349 -4.62 -24.72 -11.07
C LEU B 349 -4.44 -23.51 -10.17
N LYS B 350 -5.52 -23.08 -9.53
CA LYS B 350 -5.40 -21.94 -8.63
C LYS B 350 -4.95 -22.36 -7.24
N GLY B 351 -4.78 -23.67 -7.01
CA GLY B 351 -4.23 -24.15 -5.74
C GLY B 351 -5.10 -23.99 -4.51
N VAL B 352 -6.42 -24.03 -4.65
CA VAL B 352 -7.28 -23.90 -3.47
C VAL B 352 -7.05 -25.09 -2.55
N PRO B 353 -6.77 -24.87 -1.26
CA PRO B 353 -6.32 -26.01 -0.42
C PRO B 353 -7.31 -27.16 -0.30
N VAL B 354 -8.61 -26.88 -0.25
CA VAL B 354 -9.61 -27.94 -0.10
C VAL B 354 -10.65 -27.79 -1.19
N ARG B 355 -10.88 -28.85 -1.94
CA ARG B 355 -12.04 -28.95 -2.83
C ARG B 355 -13.11 -29.79 -2.16
N ILE B 356 -14.34 -29.32 -2.16
CA ILE B 356 -15.44 -30.15 -1.68
C ILE B 356 -16.21 -30.67 -2.86
N GLU B 357 -16.39 -31.98 -2.90
CA GLU B 357 -17.31 -32.64 -3.81
C GLU B 357 -18.55 -33.05 -3.04
N LEU B 358 -19.71 -32.65 -3.55
CA LEU B 358 -21.00 -32.94 -2.92
C LEU B 358 -21.95 -33.38 -4.03
N GLY B 359 -22.29 -34.67 -4.03
CA GLY B 359 -23.23 -35.22 -4.96
C GLY B 359 -24.52 -35.60 -4.26
N PHE B 360 -25.49 -36.05 -5.06
CA PHE B 360 -26.80 -36.40 -4.52
C PHE B 360 -26.68 -37.49 -3.47
N LYS B 361 -25.78 -38.40 -3.70
CA LYS B 361 -25.54 -39.47 -2.79
C LYS B 361 -25.24 -38.97 -1.42
N ASP B 362 -24.24 -38.12 -1.33
CA ASP B 362 -23.78 -37.62 -0.04
C ASP B 362 -24.76 -36.65 0.59
N LEU B 363 -25.52 -35.89 -0.24
CA LEU B 363 -26.64 -35.15 0.33
C LEU B 363 -27.60 -36.09 1.04
N GLN B 364 -27.88 -37.25 0.43
CA GLN B 364 -28.74 -38.26 1.04
C GLN B 364 -28.20 -38.75 2.37
N ASN B 365 -26.88 -38.68 2.59
CA ASN B 365 -26.22 -39.35 3.69
C ASN B 365 -25.60 -38.39 4.70
N ASP B 366 -26.03 -37.12 4.71
CA ASP B 366 -25.61 -36.16 5.73
C ASP B 366 -24.11 -35.89 5.67
N GLN B 367 -23.51 -35.92 4.48
CA GLN B 367 -22.04 -35.84 4.43
C GLN B 367 -21.57 -35.23 3.11
N PHE B 368 -20.26 -35.02 3.04
CA PHE B 368 -19.62 -34.51 1.82
C PHE B 368 -18.19 -35.02 1.79
N VAL B 369 -17.53 -34.86 0.64
CA VAL B 369 -16.16 -35.32 0.47
C VAL B 369 -15.23 -34.11 0.35
N ALA B 370 -14.22 -34.07 1.20
CA ALA B 370 -13.18 -33.05 1.18
C ALA B 370 -11.91 -33.62 0.56
N VAL B 371 -11.34 -32.89 -0.40
CA VAL B 371 -10.18 -33.35 -1.17
C VAL B 371 -9.06 -32.35 -0.95
N ARG B 372 -7.93 -32.84 -0.42
CA ARG B 372 -6.77 -32.00 -0.14
C ARG B 372 -6.01 -31.72 -1.43
N ARG B 373 -5.68 -30.45 -1.66
CA ARG B 373 -4.94 -30.08 -2.85
C ARG B 373 -3.50 -30.62 -2.81
N ASP B 374 -2.88 -30.64 -1.63
CA ASP B 374 -1.44 -30.88 -1.52
C ASP B 374 -1.07 -32.34 -1.81
N ASN B 375 -1.90 -33.28 -1.36
CA ASN B 375 -1.61 -34.70 -1.52
C ASN B 375 -2.77 -35.46 -2.16
N GLY B 376 -3.88 -34.80 -2.46
CA GLY B 376 -4.96 -35.43 -3.19
C GLY B 376 -5.88 -36.32 -2.36
N ALA B 377 -5.60 -36.53 -1.08
CA ALA B 377 -6.39 -37.49 -0.32
C ALA B 377 -7.81 -36.99 -0.08
N LYS B 378 -8.76 -37.92 -0.15
CA LYS B 378 -10.18 -37.63 0.05
C LYS B 378 -10.67 -38.12 1.40
N GLN B 379 -11.64 -37.41 1.94
CA GLN B 379 -12.14 -37.70 3.28
C GLN B 379 -13.63 -37.43 3.30
N THR B 380 -14.38 -38.32 3.95
CA THR B 380 -15.82 -38.11 4.12
C THR B 380 -16.06 -37.48 5.48
N ILE B 381 -16.83 -36.38 5.49
CA ILE B 381 -17.14 -35.66 6.72
C ILE B 381 -18.66 -35.54 6.82
N LYS B 382 -19.22 -35.92 7.96
CA LYS B 382 -20.65 -35.72 8.20
C LYS B 382 -20.93 -34.23 8.36
N ARG B 383 -22.01 -33.77 7.72
CA ARG B 383 -22.28 -32.33 7.65
C ARG B 383 -22.33 -31.70 9.03
N ALA B 384 -22.91 -32.42 10.00
CA ALA B 384 -22.95 -31.94 11.38
C ALA B 384 -21.58 -31.61 11.93
N GLN B 385 -20.52 -32.17 11.34
CA GLN B 385 -19.16 -31.95 11.81
C GLN B 385 -18.40 -30.91 10.99
N ALA B 386 -19.00 -30.36 9.92
CA ALA B 386 -18.28 -29.44 9.04
C ALA B 386 -17.49 -28.41 9.84
N THR B 387 -18.18 -27.63 10.68
CA THR B 387 -17.55 -26.51 11.36
C THR B 387 -16.44 -26.98 12.29
N VAL B 388 -16.55 -28.19 12.83
CA VAL B 388 -15.50 -28.68 13.72
C VAL B 388 -14.31 -29.16 12.90
N GLU B 389 -14.58 -29.88 11.81
CA GLU B 389 -13.50 -30.64 11.19
C GLU B 389 -12.72 -29.81 10.18
N MET B 390 -13.41 -28.94 9.44
CA MET B 390 -12.75 -28.20 8.37
C MET B 390 -11.60 -27.31 8.87
N PRO B 391 -11.70 -26.60 10.00
CA PRO B 391 -10.50 -25.88 10.47
C PRO B 391 -9.35 -26.83 10.79
N LYS B 392 -9.61 -27.91 11.51
CA LYS B 392 -8.58 -28.90 11.78
C LYS B 392 -7.88 -29.32 10.48
N LEU B 393 -8.68 -29.65 9.45
CA LEU B 393 -8.13 -30.02 8.16
C LEU B 393 -7.16 -28.96 7.65
N LEU B 394 -7.58 -27.70 7.64
CA LEU B 394 -6.70 -26.67 7.10
C LEU B 394 -5.39 -26.59 7.89
N GLU B 395 -5.44 -26.78 9.21
CA GLU B 395 -4.20 -26.80 9.99
C GLU B 395 -3.31 -27.97 9.56
N THR B 396 -3.91 -29.14 9.42
CA THR B 396 -3.16 -30.30 8.97
C THR B 396 -2.48 -30.01 7.64
N ILE B 397 -3.20 -29.35 6.71
CA ILE B 397 -2.58 -29.09 5.42
C ILE B 397 -1.34 -28.25 5.60
N HIS B 398 -1.48 -27.17 6.37
CA HIS B 398 -0.34 -26.29 6.59
C HIS B 398 0.82 -27.12 7.13
N THR B 399 0.53 -27.94 8.13
CA THR B 399 1.60 -28.69 8.79
C THR B 399 2.22 -29.70 7.83
N SER B 400 1.41 -30.43 7.07
CA SER B 400 1.99 -31.35 6.11
C SER B 400 2.88 -30.59 5.14
N MET B 401 2.38 -29.45 4.64
CA MET B 401 3.13 -28.70 3.66
C MET B 401 4.43 -28.21 4.23
N TYR B 402 4.41 -27.80 5.51
CA TYR B 402 5.66 -27.33 6.08
C TYR B 402 6.62 -28.51 6.27
N GLU B 403 6.10 -29.61 6.81
CA GLU B 403 7.01 -30.67 7.22
C GLU B 403 7.59 -31.36 6.01
N ARG B 404 6.76 -31.56 4.97
CA ARG B 404 7.26 -31.99 3.68
C ARG B 404 8.45 -31.14 3.26
N ALA B 405 8.27 -29.82 3.22
CA ALA B 405 9.34 -28.98 2.72
C ALA B 405 10.54 -29.04 3.66
N GLU B 406 10.28 -29.11 4.96
CA GLU B 406 11.38 -29.14 5.91
C GLU B 406 12.22 -30.40 5.71
N ARG B 407 11.56 -31.54 5.47
CA ARG B 407 12.35 -32.75 5.34
C ARG B 407 13.18 -32.67 4.07
N ASP B 408 12.59 -32.11 3.01
CA ASP B 408 13.37 -31.86 1.80
C ASP B 408 14.62 -31.06 2.13
N LEU B 409 14.43 -29.93 2.83
CA LEU B 409 15.55 -29.05 3.12
C LEU B 409 16.62 -29.78 3.92
N GLN B 410 16.19 -30.57 4.90
CA GLN B 410 17.20 -31.19 5.74
C GLN B 410 17.88 -32.33 5.01
N SER B 411 17.17 -33.05 4.15
CA SER B 411 17.82 -34.18 3.49
C SER B 411 18.77 -33.71 2.41
N HIS B 412 18.67 -32.44 2.00
CA HIS B 412 19.56 -31.85 1.02
C HIS B 412 20.50 -30.82 1.64
N THR B 413 20.56 -30.77 2.96
CA THR B 413 21.61 -30.04 3.68
C THR B 413 22.62 -31.08 4.17
N LYS B 414 23.80 -31.11 3.54
CA LYS B 414 24.80 -32.12 3.82
C LYS B 414 25.99 -31.48 4.54
N LEU B 415 26.34 -32.01 5.71
CA LEU B 415 27.54 -31.56 6.41
C LEU B 415 28.75 -32.36 5.94
N THR B 416 29.84 -31.68 5.62
CA THR B 416 31.08 -32.38 5.31
C THR B 416 32.27 -31.52 5.68
N LYS B 417 33.37 -32.22 5.97
CA LYS B 417 34.67 -31.62 6.20
C LYS B 417 35.61 -31.83 5.01
N GLN B 418 35.13 -32.43 3.93
CA GLN B 418 36.01 -32.91 2.86
C GLN B 418 35.64 -32.22 1.55
N TRP B 419 36.67 -31.64 0.90
CA TRP B 419 36.44 -30.86 -0.32
C TRP B 419 35.79 -31.70 -1.43
N ALA B 420 36.23 -32.97 -1.59
CA ALA B 420 35.66 -33.83 -2.63
C ALA B 420 34.14 -34.02 -2.45
N GLU B 421 33.70 -34.23 -1.22
CA GLU B 421 32.26 -34.31 -0.97
C GLU B 421 31.59 -32.98 -1.24
N PHE B 422 32.25 -31.87 -0.90
CA PHE B 422 31.71 -30.56 -1.20
C PHE B 422 31.34 -30.47 -2.69
N LEU B 423 32.29 -30.81 -3.57
CA LEU B 423 32.01 -30.76 -5.01
C LEU B 423 30.90 -31.73 -5.40
N GLN B 424 31.00 -32.99 -4.95
CA GLN B 424 30.00 -33.97 -5.33
C GLN B 424 28.60 -33.59 -4.86
N PHE B 425 28.50 -33.14 -3.61
CA PHE B 425 27.20 -32.71 -3.07
C PHE B 425 26.63 -31.55 -3.87
N LEU B 426 27.49 -30.61 -4.26
CA LEU B 426 27.03 -29.47 -5.03
C LEU B 426 26.49 -29.89 -6.40
N GLU B 427 27.11 -30.89 -7.05
CA GLU B 427 26.59 -31.29 -8.35
C GLU B 427 25.32 -32.12 -8.27
N THR B 428 24.92 -32.58 -7.08
CA THR B 428 23.70 -33.35 -6.90
C THR B 428 22.62 -32.54 -6.20
N LYS B 429 22.68 -31.21 -6.32
CA LYS B 429 21.58 -30.30 -5.91
C LYS B 429 21.45 -30.16 -4.39
N ASN B 430 22.53 -30.37 -3.67
CA ASN B 430 22.53 -30.14 -2.22
C ASN B 430 23.08 -28.76 -1.89
N ILE B 431 22.78 -28.30 -0.69
CA ILE B 431 23.54 -27.24 -0.08
C ILE B 431 24.39 -27.87 1.01
N ILE B 432 25.49 -27.22 1.36
CA ILE B 432 26.59 -27.88 2.08
C ILE B 432 27.00 -27.07 3.31
N MET B 433 27.02 -27.71 4.46
CA MET B 433 27.55 -27.14 5.70
C MET B 433 29.02 -27.53 5.84
N ALA B 434 29.92 -26.55 5.84
CA ALA B 434 31.35 -26.87 5.86
C ALA B 434 32.12 -25.89 6.73
N PRO B 435 33.19 -26.35 7.38
CA PRO B 435 34.04 -25.41 8.13
C PRO B 435 34.67 -24.39 7.17
N PHE B 436 34.73 -23.15 7.62
CA PHE B 436 35.10 -22.06 6.75
C PHE B 436 35.88 -21.02 7.51
N CYS B 437 36.93 -20.53 6.85
CA CYS B 437 37.81 -19.54 7.45
C CYS B 437 37.16 -18.14 7.42
N GLY B 438 36.13 -17.92 6.58
CA GLY B 438 35.47 -16.62 6.52
C GLY B 438 36.11 -15.60 5.60
N GLU B 439 37.30 -15.86 5.09
CA GLU B 439 38.01 -14.90 4.27
C GLU B 439 37.36 -14.76 2.89
N ILE B 440 37.40 -13.53 2.37
CA ILE B 440 36.76 -13.22 1.08
C ILE B 440 37.48 -13.94 -0.06
N SER B 441 38.82 -13.90 -0.07
CA SER B 441 39.58 -14.52 -1.16
C SER B 441 39.39 -16.03 -1.18
N CYS B 442 39.24 -16.66 -0.01
CA CYS B 442 38.98 -18.09 0.05
C CYS B 442 37.60 -18.39 -0.50
N GLU B 443 36.61 -17.57 -0.16
CA GLU B 443 35.27 -17.68 -0.73
C GLU B 443 35.30 -17.53 -2.25
N ASP B 444 36.15 -16.63 -2.75
CA ASP B 444 36.31 -16.48 -4.19
C ASP B 444 36.83 -17.77 -4.81
N ARG B 445 37.88 -18.33 -4.21
CA ARG B 445 38.47 -19.55 -4.78
C ARG B 445 37.48 -20.71 -4.74
N ILE B 446 36.74 -20.84 -3.63
CA ILE B 446 35.71 -21.88 -3.52
C ILE B 446 34.69 -21.76 -4.65
N LYS B 447 34.26 -20.53 -4.92
CA LYS B 447 33.32 -20.32 -6.01
C LYS B 447 33.96 -20.67 -7.35
N ALA B 448 35.18 -20.19 -7.59
CA ALA B 448 35.78 -20.36 -8.91
C ALA B 448 36.06 -21.84 -9.20
N GLU B 449 36.55 -22.58 -8.20
CA GLU B 449 36.84 -23.99 -8.38
C GLU B 449 35.58 -24.82 -8.51
N SER B 450 34.49 -24.44 -7.84
CA SER B 450 33.30 -25.28 -7.92
C SER B 450 32.46 -25.05 -9.18
N ALA B 451 32.90 -24.20 -10.12
CA ALA B 451 32.10 -23.94 -11.31
C ALA B 451 32.34 -25.00 -12.38
N ARG B 452 31.27 -25.36 -13.09
CA ARG B 452 31.34 -26.44 -14.07
C ARG B 452 31.03 -25.91 -15.47
N ALA B 463 24.96 -20.34 -13.87
CA ALA B 463 25.61 -19.81 -12.67
C ALA B 463 25.89 -20.95 -11.69
N MET B 464 27.02 -21.63 -11.87
CA MET B 464 27.20 -22.97 -11.32
C MET B 464 28.24 -23.06 -10.20
N GLY B 465 28.95 -21.98 -9.86
CA GLY B 465 29.89 -22.01 -8.74
C GLY B 465 29.20 -21.80 -7.40
N ALA B 466 29.71 -22.44 -6.35
CA ALA B 466 29.05 -22.36 -5.05
C ALA B 466 29.33 -21.01 -4.39
N LYS B 467 28.33 -20.46 -3.75
CA LYS B 467 28.46 -19.24 -2.99
C LYS B 467 28.09 -19.48 -1.56
N SER B 468 28.57 -18.68 -0.65
CA SER B 468 28.09 -18.77 0.72
C SER B 468 26.66 -18.24 0.76
N LEU B 469 25.82 -18.91 1.53
CA LEU B 469 24.44 -18.55 1.75
C LEU B 469 24.28 -17.83 3.07
N CYS B 470 24.74 -18.42 4.16
CA CYS B 470 24.80 -17.71 5.43
C CYS B 470 25.68 -18.52 6.37
N ILE B 471 26.14 -17.85 7.43
CA ILE B 471 26.71 -18.52 8.59
C ILE B 471 25.56 -18.84 9.53
N PRO B 472 25.11 -20.08 9.63
CA PRO B 472 23.84 -20.35 10.33
C PRO B 472 23.96 -20.10 11.82
N PHE B 473 22.93 -19.46 12.38
CA PHE B 473 22.83 -19.32 13.84
C PHE B 473 22.91 -20.68 14.52
N GLU B 474 22.16 -21.67 14.02
CA GLU B 474 22.23 -23.03 14.53
C GLU B 474 23.40 -23.73 13.86
N GLN B 475 24.53 -23.76 14.55
CA GLN B 475 25.71 -24.44 14.01
C GLN B 475 25.50 -25.96 14.08
N PRO B 476 25.77 -26.69 13.00
CA PRO B 476 25.55 -28.15 13.05
C PRO B 476 26.46 -28.85 14.04
N ALA B 477 27.62 -28.27 14.32
CA ALA B 477 28.54 -28.78 15.34
C ALA B 477 29.37 -27.61 15.83
N LYS B 478 30.13 -27.84 16.89
CA LYS B 478 31.00 -26.80 17.45
C LYS B 478 32.38 -26.91 16.79
N ILE B 479 32.81 -25.83 16.15
CA ILE B 479 34.14 -25.78 15.56
C ILE B 479 35.17 -25.84 16.67
N ASP B 480 36.17 -26.71 16.51
CA ASP B 480 37.31 -26.73 17.41
C ASP B 480 38.39 -25.79 16.88
N PRO B 481 38.53 -24.58 17.46
CA PRO B 481 39.56 -23.64 16.99
C PRO B 481 40.96 -24.23 17.07
N LYS B 482 41.11 -25.30 17.83
CA LYS B 482 42.38 -25.93 18.03
C LYS B 482 42.75 -26.86 16.89
N VAL B 483 41.77 -27.54 16.29
CA VAL B 483 42.07 -28.54 15.27
C VAL B 483 41.38 -28.25 13.94
N ASP B 484 40.21 -27.60 13.95
CA ASP B 484 39.41 -27.50 12.74
C ASP B 484 39.98 -26.45 11.79
N LYS B 485 40.18 -26.85 10.54
CA LYS B 485 40.64 -25.98 9.47
C LYS B 485 39.54 -25.78 8.43
N CYS B 486 39.73 -24.74 7.60
CA CYS B 486 38.83 -24.42 6.50
C CYS B 486 38.73 -25.61 5.53
N VAL B 487 37.55 -25.75 4.90
CA VAL B 487 37.32 -26.91 4.03
C VAL B 487 38.20 -26.89 2.79
N HIS B 488 38.66 -25.74 2.33
CA HIS B 488 39.34 -25.77 1.04
C HIS B 488 40.79 -26.25 1.21
N PRO B 489 41.25 -27.21 0.39
CA PRO B 489 42.58 -27.80 0.60
C PRO B 489 43.74 -26.84 0.50
N ALA B 490 43.59 -25.70 -0.17
CA ALA B 490 44.71 -24.77 -0.34
C ALA B 490 44.63 -23.58 0.60
N CYS B 491 43.63 -23.54 1.49
CA CYS B 491 43.51 -22.46 2.46
C CYS B 491 44.36 -22.73 3.70
N GLY B 492 44.00 -23.75 4.48
CA GLY B 492 44.76 -24.10 5.67
C GLY B 492 44.50 -23.24 6.89
N ARG B 493 43.65 -22.21 6.79
CA ARG B 493 43.40 -21.34 7.92
C ARG B 493 42.51 -22.02 8.96
N VAL B 494 42.57 -21.50 10.18
CA VAL B 494 41.63 -21.91 11.22
C VAL B 494 40.21 -21.71 10.72
N ALA B 495 39.38 -22.74 10.89
CA ALA B 495 37.96 -22.56 10.64
C ALA B 495 37.38 -21.66 11.72
N LYS B 496 36.70 -20.60 11.29
CA LYS B 496 35.99 -19.74 12.23
C LYS B 496 34.60 -20.26 12.52
N PHE B 497 33.99 -21.00 11.58
CA PHE B 497 32.62 -21.45 11.84
C PHE B 497 32.24 -22.45 10.75
N TYR B 498 31.05 -23.01 10.86
CA TYR B 498 30.42 -23.69 9.74
C TYR B 498 29.67 -22.66 8.91
N THR B 499 29.88 -22.69 7.61
CA THR B 499 29.12 -21.89 6.65
C THR B 499 28.28 -22.78 5.75
N LEU B 500 27.10 -22.29 5.41
CA LEU B 500 26.22 -22.89 4.43
C LEU B 500 26.58 -22.37 3.04
N PHE B 501 26.85 -23.30 2.10
CA PHE B 501 27.23 -23.01 0.73
C PHE B 501 26.21 -23.61 -0.24
N GLY B 502 26.08 -23.00 -1.41
CA GLY B 502 25.26 -23.62 -2.44
C GLY B 502 25.22 -22.77 -3.68
N ARG B 503 24.61 -23.32 -4.73
CA ARG B 503 24.32 -22.54 -5.93
C ARG B 503 23.19 -21.57 -5.59
N SER B 504 23.43 -20.30 -5.83
CA SER B 504 22.51 -19.27 -5.38
C SER B 504 21.77 -18.77 -6.61
N TYR B 505 20.47 -19.03 -6.63
CA TYR B 505 19.54 -18.35 -7.52
C TYR B 505 19.99 -16.90 -7.71
ZN ZN C . -24.82 30.60 -22.32
O4' HFG D . -6.34 10.12 -15.21
C21 HFG D . -7.29 10.54 -15.84
C3' HFG D . -8.62 9.82 -15.88
C2' HFG D . -8.86 8.84 -14.72
N1' HFG D . -7.92 7.71 -14.70
C6' HFG D . -8.36 6.72 -13.71
C5' HFG D . -8.49 7.30 -12.27
C4' HFG D . -9.32 8.58 -12.28
C39 HFG D . -8.79 9.51 -13.35
O7' HFG D . -9.47 10.76 -13.37
C1' HFG D . -7.20 11.82 -16.66
N3 HFG D . -5.82 12.21 -16.91
C4 HFG D . -5.12 11.55 -17.90
O11 HFG D . -5.61 10.65 -18.54
C10 HFG D . -3.73 12.02 -18.06
C5 HFG D . -2.91 11.45 -19.03
C2 HFG D . -5.25 13.20 -16.15
N1 HFG D . -4.04 13.64 -16.26
C9 HFG D . -3.25 13.04 -17.23
C8 HFG D . -1.93 13.48 -17.37
C7 HFG D . -1.12 12.89 -18.34
BR1 HFG D . 0.68 13.48 -18.45
C6 HFG D . -1.60 11.89 -19.17
CL1 HFG D . -0.61 11.16 -20.39
C4 JE6 E . -3.44 16.19 -9.10
C14 JE6 E . -6.00 15.84 -10.19
C5 JE6 E . -2.19 16.38 -8.56
C6 JE6 E . -1.09 17.39 -10.52
C11 JE6 E . 1.61 21.55 -10.38
C7 JE6 E . 0.28 17.58 -11.14
C8 JE6 E . 0.78 18.98 -10.93
C9 JE6 E . 1.99 19.21 -10.34
C10 JE6 E . 2.39 20.50 -10.06
C12 JE6 E . 0.41 21.34 -10.99
C13 JE6 E . 0.00 20.06 -11.28
C3 JE6 E . -4.45 15.81 -8.25
C1 JE6 E . -2.90 15.83 -6.46
C15 JE6 E . -7.49 15.64 -10.30
C16 JE6 E . -7.80 14.75 -9.09
C17 JE6 E . -9.13 14.88 -8.56
C18 JE6 E . -7.62 13.23 -9.43
C19 JE6 E . -8.65 12.46 -10.20
C2 JE6 E . -4.19 15.63 -6.91
C20 JE6 E . -8.41 12.17 -8.75
C21 JE6 E . -6.81 15.03 -8.14
O1 JE6 E . -6.90 14.86 -6.96
N JE6 E . -1.10 16.77 -9.33
C JE6 E . -2.53 15.60 -5.04
O JE6 E . -2.09 17.77 -11.07
N1 JE6 E . -1.91 16.22 -7.28
N2 JE6 E . -5.74 15.59 -8.78
N3 JE6 E . -10.18 15.05 -8.17
BR BR F . -7.16 12.74 -13.11
BR BR G . -8.76 15.41 -17.11
C1 GOL H . -4.34 -1.12 0.48
O1 GOL H . -3.60 -1.59 -0.63
C2 GOL H . -5.62 -1.96 0.51
O2 GOL H . -5.33 -3.34 0.57
C3 GOL H . -6.41 -1.47 1.72
O3 GOL H . -5.58 -1.56 2.84
C1 GOL I . 2.78 1.14 -5.12
O1 GOL I . 3.10 2.32 -5.77
C2 GOL I . 1.96 1.55 -3.87
O2 GOL I . 1.60 0.44 -3.11
C3 GOL I . 2.86 2.56 -3.11
O3 GOL I . 2.33 2.67 -1.82
CL CL J . 7.82 10.91 10.94
ZN ZN K . 39.45 -20.80 3.81
O4' HFG L . 18.82 -1.90 -0.48
C21 HFG L . 19.81 -2.23 0.12
C3' HFG L . 19.92 -2.17 1.64
C2' HFG L . 18.57 -2.21 2.36
N1' HFG L . 17.74 -1.03 2.15
C6' HFG L . 16.62 -1.04 3.09
C5' HFG L . 15.71 -2.25 2.94
C4' HFG L . 16.53 -3.54 2.98
C39 HFG L . 17.69 -3.41 2.00
O7' HFG L . 18.44 -4.61 1.90
C1' HFG L . 21.05 -2.69 -0.57
N3 HFG L . 21.06 -2.22 -1.95
C4 HFG L . 21.46 -0.91 -2.19
O11 HFG L . 21.73 -0.15 -1.26
C10 HFG L . 21.42 -0.51 -3.59
C5 HFG L . 21.78 0.78 -3.97
C2 HFG L . 20.64 -3.04 -2.96
N1 HFG L . 20.59 -2.72 -4.21
C9 HFG L . 20.99 -1.44 -4.55
C8 HFG L . 20.92 -1.07 -5.89
C7 HFG L . 21.28 0.22 -6.26
BR1 HFG L . 21.12 0.68 -8.08
C6 HFG L . 21.70 1.13 -5.30
CL1 HFG L . 22.11 2.77 -5.74
C4 JE6 M . 15.53 -8.18 -5.92
C14 JE6 M . 16.93 -8.41 -3.47
C5 JE6 M . 14.82 -8.04 -7.11
C6 JE6 M . 16.67 -7.26 -8.56
C11 JE6 M . 17.30 -9.04 -13.26
C7 JE6 M . 16.91 -6.49 -9.83
C8 JE6 M . 17.03 -7.40 -11.03
C9 JE6 M . 18.06 -8.33 -11.11
C10 JE6 M . 18.20 -9.13 -12.23
C12 JE6 M . 16.27 -8.13 -13.19
C13 JE6 M . 16.14 -7.31 -12.09
C3 JE6 M . 14.88 -8.79 -4.85
C1 JE6 M . 12.94 -9.04 -6.23
C15 JE6 M . 17.36 -8.90 -2.09
C16 JE6 M . 16.03 -9.10 -1.34
C17 JE6 M . 16.01 -10.12 -0.29
C18 JE6 M . 15.55 -7.76 -0.68
C19 JE6 M . 16.05 -7.31 0.66
C2 JE6 M . 13.57 -9.22 -5.00
C20 JE6 M . 14.62 -7.74 0.50
C21 JE6 M . 15.04 -9.40 -2.45
O1 JE6 M . 13.98 -9.99 -2.33
N JE6 M . 15.37 -7.42 -8.24
C JE6 M . 11.54 -9.51 -6.46
O JE6 M . 17.59 -7.72 -7.88
N1 JE6 M . 13.56 -8.47 -7.28
N2 JE6 M . 15.55 -8.93 -3.62
N3 JE6 M . 15.97 -10.88 0.56
BR BR N . 18.37 -5.34 -1.07
BR BR O . 23.52 -5.61 -1.09
C1 GOL P . 0.05 -1.04 3.92
O1 GOL P . 0.55 0.22 3.52
C2 GOL P . 0.03 -0.96 5.47
O2 GOL P . -0.63 0.14 5.94
C3 GOL P . -0.48 -2.32 6.05
O3 GOL P . -1.75 -2.58 5.55
C1 GOL Q . 7.78 -23.67 12.20
O1 GOL Q . 8.24 -23.40 13.48
C2 GOL Q . 6.27 -23.96 12.33
O2 GOL Q . 5.65 -23.02 13.18
C3 GOL Q . 5.76 -23.90 10.85
O3 GOL Q . 4.38 -23.89 10.88
CL CL R . 9.72 7.08 15.10
CL CL R . 8.51 5.72 16.02
CL CL S . -7.27 -10.40 -11.97
#